data_3W98
#
_entry.id   3W98
#
_cell.length_a   104.839
_cell.length_b   109.344
_cell.length_c   176.173
_cell.angle_alpha   90.00
_cell.angle_beta   90.00
_cell.angle_gamma   90.00
#
_symmetry.space_group_name_H-M   'P 21 21 21'
#
loop_
_entity.id
_entity.type
_entity.pdbx_description
1 polymer 'Histone H3.1'
2 polymer 'Histone H4'
3 polymer 'Histone H2A type 1-B/E'
4 polymer 'Histone H2B type 1-J'
5 polymer '146-mer DNA'
6 non-polymer 'MANGANESE (II) ION'
#
loop_
_entity_poly.entity_id
_entity_poly.type
_entity_poly.pdbx_seq_one_letter_code
_entity_poly.pdbx_strand_id
1 'polypeptide(L)'
;GSHMSAPATGGVKKPHRYRPGTVALREIRRYQKSTELLIRKLPFQRLVREIAQDFKTDLRFQSSAVMALQEACEAYLVGL
FEDTNLCAIHAKRVTIMPKDIQLARRIRGERA
;
A,E
2 'polypeptide(L)'
;GSHMSGRGKGGKGLGKGGAKRHRKVLRDNIQGITKPAIRRLARRGGVKRISGLIYEETRGVLKVFLENVIRDAVTYTEHA
KRKTVTAMDVVYALKRQGRTLYGFGG
;
B,F
3 'polypeptide(L)'
;GSHMSGRGKQGGKARAKAKTRSSRAGLQFPVGRVHRLLRKGNYSERVGAGAPVYLAAVLEYLTAEILELAGNAARDNKKT
RIIPRHLQLAIRNDEELNKLLGRVTIAQGGVLPNIQAVLLPKKTESHHKAKGK
;
C,G
4 'polypeptide(L)'
;GSHMPEPAKSAPAPKKGSKKAVTKAQKKDGKKRKRSRKESYSIYVYKVLKQVHPDTGISSKAMGIMNSFVNDIFERIAGE
ASRLAHYNKRSTITSREIQTAVRLLLPGELAKHAVSEGTKAVTKYTSAK
;
D,H
5 'polydeoxyribonucleotide'
;(DA)(DT)(DC)(DA)(DA)(DT)(DA)(DT)(DC)(DC)(DA)(DC)(DC)(DT)(DG)(DC)(DA)(DG)(DA)(DT)
(DT)(DC)(DT)(DA)(DC)(DC)(DA)(DA)(DA)(DA)(DG)(DT)(DG)(DT)(DA)(DT)(DT)(DT)(DG)(DG)
(DA)(DA)(DA)(DC)(DT)(DG)(DC)(DT)(DC)(DC)(DA)(DT)(DC)(DA)(DA)(DA)(DA)(DG)(DG)(DC)
(DA)(DT)(DG)(DT)(DT)(DC)(DA)(DG)(DC)(DT)(DG)(DA)(DA)(DT)(DT)(DC)(DA)(DG)(DC)(DT)
(DG)(DA)(DA)(DC)(DA)(DT)(DG)(DC)(DC)(DT)(DT)(DT)(DT)(DG)(DA)(DT)(DG)(DG)(DA)(DG)
(DC)(DA)(DG)(DT)(DT)(DT)(DC)(DC)(DA)(DA)(DA)(DT)(DA)(DC)(DA)(DC)(DT)(DT)(DT)(DT)
(DG)(DG)(DT)(DA)(DG)(DA)(DA)(DT)(DC)(DT)(DG)(DC)(DA)(DG)(DG)(DT)(DG)(DG)(DA)(DT)
(DA)(DT)(DT)(DG)(DA)(DT)
;
I,J
#
loop_
_chem_comp.id
_chem_comp.type
_chem_comp.name
_chem_comp.formula
DA DNA linking 2'-DEOXYADENOSINE-5'-MONOPHOSPHATE 'C10 H14 N5 O6 P'
DC DNA linking 2'-DEOXYCYTIDINE-5'-MONOPHOSPHATE 'C9 H14 N3 O7 P'
DG DNA linking 2'-DEOXYGUANOSINE-5'-MONOPHOSPHATE 'C10 H14 N5 O7 P'
DT DNA linking THYMIDINE-5'-MONOPHOSPHATE 'C10 H15 N2 O8 P'
MN non-polymer 'MANGANESE (II) ION' 'Mn 2'
#
# COMPACT_ATOMS: atom_id res chain seq x y z
N PRO A 15 4.59 55.02 11.58
CA PRO A 15 3.98 53.79 11.03
C PRO A 15 4.10 52.56 11.94
N HIS A 16 3.20 51.61 11.73
CA HIS A 16 3.13 50.36 12.49
C HIS A 16 3.52 49.16 11.63
N ARG A 17 4.41 48.33 12.14
CA ARG A 17 4.90 47.15 11.42
C ARG A 17 4.70 45.89 12.26
N TYR A 18 4.18 44.82 11.64
CA TYR A 18 3.98 43.57 12.36
C TYR A 18 5.32 42.84 12.51
N ARG A 19 5.65 42.46 13.74
CA ARG A 19 6.88 41.76 14.01
C ARG A 19 6.99 40.56 13.09
N PRO A 20 8.20 40.06 12.86
CA PRO A 20 8.29 38.92 11.97
C PRO A 20 7.61 37.67 12.50
N GLY A 21 6.96 36.93 11.61
CA GLY A 21 6.31 35.69 12.01
C GLY A 21 4.92 35.80 12.56
N THR A 22 4.45 37.03 12.78
CA THR A 22 3.11 37.18 13.30
C THR A 22 2.08 36.95 12.21
N VAL A 23 2.32 37.53 11.04
CA VAL A 23 1.40 37.37 9.91
C VAL A 23 1.39 35.91 9.50
N ALA A 24 2.58 35.31 9.51
CA ALA A 24 2.74 33.91 9.14
C ALA A 24 1.70 33.07 9.85
N LEU A 25 1.67 33.19 11.18
CA LEU A 25 0.73 32.45 12.00
C LEU A 25 -0.70 32.89 11.70
N ARG A 26 -0.87 34.16 11.30
CA ARG A 26 -2.20 34.66 10.95
C ARG A 26 -2.58 34.01 9.64
N GLU A 27 -1.58 33.76 8.81
CA GLU A 27 -1.80 33.12 7.52
C GLU A 27 -2.18 31.67 7.76
N ILE A 28 -1.37 30.98 8.55
CA ILE A 28 -1.64 29.59 8.86
C ILE A 28 -3.07 29.43 9.40
N ARG A 29 -3.42 30.15 10.46
CA ARG A 29 -4.77 30.04 11.01
C ARG A 29 -5.82 30.29 9.92
N ARG A 30 -5.63 31.33 9.12
CA ARG A 30 -6.58 31.67 8.06
C ARG A 30 -6.82 30.57 7.01
N TYR A 31 -5.75 30.06 6.42
CA TYR A 31 -5.85 29.02 5.39
C TYR A 31 -6.44 27.69 5.83
N GLN A 32 -5.98 27.19 6.97
CA GLN A 32 -6.49 25.92 7.47
C GLN A 32 -7.99 26.01 7.60
N LYS A 33 -8.47 27.21 7.90
CA LYS A 33 -9.91 27.43 8.03
C LYS A 33 -10.65 27.33 6.68
N SER A 34 -10.07 27.83 5.60
CA SER A 34 -10.71 27.76 4.27
C SER A 34 -10.29 26.51 3.51
N THR A 35 -11.13 26.01 2.61
CA THR A 35 -10.79 24.81 1.86
C THR A 35 -10.46 25.07 0.39
N GLU A 36 -10.76 26.26 -0.09
CA GLU A 36 -10.47 26.60 -1.48
C GLU A 36 -9.04 26.24 -1.88
N LEU A 37 -8.85 25.88 -3.14
CA LEU A 37 -7.51 25.51 -3.59
C LEU A 37 -6.68 26.79 -3.69
N LEU A 38 -5.42 26.70 -3.29
CA LEU A 38 -4.54 27.88 -3.28
C LEU A 38 -3.86 28.19 -4.61
N ILE A 39 -3.46 27.17 -5.36
CA ILE A 39 -2.81 27.37 -6.65
C ILE A 39 -3.77 27.99 -7.67
N ARG A 40 -3.25 28.88 -8.53
CA ARG A 40 -4.07 29.53 -9.56
C ARG A 40 -4.50 28.50 -10.60
N LYS A 41 -5.80 28.40 -10.82
CA LYS A 41 -6.34 27.41 -11.75
C LYS A 41 -5.81 27.37 -13.19
N LEU A 42 -5.81 28.48 -13.90
CA LEU A 42 -5.34 28.43 -15.28
C LEU A 42 -3.88 28.03 -15.42
N PRO A 43 -2.98 28.63 -14.62
CA PRO A 43 -1.57 28.23 -14.75
C PRO A 43 -1.43 26.71 -14.65
N PHE A 44 -2.04 26.15 -13.60
CA PHE A 44 -2.03 24.70 -13.32
C PHE A 44 -2.48 23.92 -14.54
N GLN A 45 -3.72 24.18 -14.96
CA GLN A 45 -4.27 23.53 -16.13
C GLN A 45 -3.27 23.66 -17.27
N ARG A 46 -2.61 24.81 -17.35
CA ARG A 46 -1.63 24.99 -18.41
C ARG A 46 -0.50 23.99 -18.17
N LEU A 47 -0.12 23.83 -16.90
CA LEU A 47 0.95 22.89 -16.54
C LEU A 47 0.59 21.47 -16.88
N VAL A 48 -0.62 21.08 -16.48
CA VAL A 48 -1.11 19.73 -16.72
C VAL A 48 -1.09 19.36 -18.19
N ARG A 49 -1.69 20.20 -19.02
CA ARG A 49 -1.72 19.96 -20.46
C ARG A 49 -0.29 19.74 -20.94
N GLU A 50 0.62 20.66 -20.58
CA GLU A 50 2.00 20.55 -21.00
C GLU A 50 2.58 19.15 -20.69
N ILE A 51 2.45 18.73 -19.44
CA ILE A 51 2.96 17.43 -19.00
C ILE A 51 2.28 16.29 -19.77
N ALA A 52 0.97 16.40 -19.93
CA ALA A 52 0.20 15.37 -20.63
C ALA A 52 0.66 15.15 -22.06
N GLN A 53 1.07 16.23 -22.73
CA GLN A 53 1.49 16.16 -24.12
C GLN A 53 2.72 15.31 -24.42
N ASP A 54 3.63 15.22 -23.45
CA ASP A 54 4.85 14.44 -23.61
C ASP A 54 4.50 12.97 -23.72
N PHE A 55 3.43 12.60 -23.01
CA PHE A 55 2.94 11.23 -23.01
C PHE A 55 2.07 10.96 -24.24
N LYS A 56 1.16 11.88 -24.53
CA LYS A 56 0.25 11.75 -25.68
C LYS A 56 -0.01 13.16 -26.26
N THR A 57 -0.27 13.25 -27.57
CA THR A 57 -0.49 14.56 -28.21
C THR A 57 -1.94 14.82 -28.62
N ASP A 58 -2.33 16.10 -28.64
CA ASP A 58 -3.68 16.50 -29.01
C ASP A 58 -4.72 15.86 -28.08
N LEU A 59 -4.38 15.66 -26.81
CA LEU A 59 -5.34 15.07 -25.90
C LEU A 59 -6.31 16.17 -25.48
N ARG A 60 -7.38 15.77 -24.81
CA ARG A 60 -8.38 16.71 -24.35
C ARG A 60 -8.69 16.28 -22.91
N PHE A 61 -9.06 17.23 -22.04
CA PHE A 61 -9.37 16.87 -20.66
C PHE A 61 -10.76 17.32 -20.29
N GLN A 62 -11.43 16.54 -19.46
CA GLN A 62 -12.75 16.94 -19.00
C GLN A 62 -12.44 18.08 -18.04
N SER A 63 -13.26 19.12 -17.99
CA SER A 63 -12.98 20.22 -17.07
C SER A 63 -12.83 19.63 -15.68
N SER A 64 -13.64 18.61 -15.41
CA SER A 64 -13.65 17.91 -14.13
C SER A 64 -12.37 17.12 -13.91
N ALA A 65 -11.79 16.61 -15.01
CA ALA A 65 -10.56 15.84 -14.94
C ALA A 65 -9.43 16.63 -14.33
N VAL A 66 -9.38 17.92 -14.65
CA VAL A 66 -8.35 18.83 -14.16
C VAL A 66 -8.49 19.03 -12.65
N MET A 67 -9.73 19.22 -12.19
CA MET A 67 -9.98 19.40 -10.77
C MET A 67 -9.38 18.25 -9.98
N ALA A 68 -9.76 17.03 -10.36
CA ALA A 68 -9.27 15.83 -9.72
C ALA A 68 -7.75 15.97 -9.60
N LEU A 69 -7.11 16.27 -10.73
CA LEU A 69 -5.67 16.44 -10.74
C LEU A 69 -5.24 17.55 -9.77
N GLN A 70 -5.87 18.71 -9.85
CA GLN A 70 -5.49 19.80 -8.94
C GLN A 70 -5.79 19.47 -7.48
N GLU A 71 -6.97 18.92 -7.22
CA GLU A 71 -7.34 18.55 -5.86
C GLU A 71 -6.25 17.67 -5.25
N ALA A 72 -5.87 16.64 -6.00
CA ALA A 72 -4.85 15.67 -5.56
C ALA A 72 -3.50 16.28 -5.23
N CYS A 73 -3.02 17.15 -6.12
CA CYS A 73 -1.73 17.81 -5.96
C CYS A 73 -1.66 18.75 -4.76
N GLU A 74 -2.66 19.60 -4.61
CA GLU A 74 -2.65 20.52 -3.49
C GLU A 74 -2.77 19.73 -2.20
N ALA A 75 -3.63 18.71 -2.22
CA ALA A 75 -3.84 17.86 -1.05
C ALA A 75 -2.55 17.15 -0.68
N TYR A 76 -1.83 16.71 -1.70
CA TYR A 76 -0.56 16.03 -1.51
C TYR A 76 0.51 17.00 -1.02
N LEU A 77 0.56 18.16 -1.67
CA LEU A 77 1.54 19.19 -1.34
C LEU A 77 1.38 19.72 0.06
N VAL A 78 0.13 19.93 0.47
CA VAL A 78 -0.18 20.41 1.82
C VAL A 78 0.38 19.37 2.77
N GLY A 79 0.06 18.11 2.48
CA GLY A 79 0.51 17.00 3.30
C GLY A 79 2.02 16.90 3.39
N LEU A 80 2.70 16.93 2.24
CA LEU A 80 4.16 16.83 2.24
C LEU A 80 4.75 17.82 3.25
N PHE A 81 4.22 19.04 3.25
CA PHE A 81 4.70 20.09 4.16
C PHE A 81 4.53 19.76 5.64
N GLU A 82 3.44 19.09 5.99
CA GLU A 82 3.20 18.73 7.39
C GLU A 82 4.36 17.88 7.83
N ASP A 83 4.68 16.90 7.00
CA ASP A 83 5.78 16.00 7.26
C ASP A 83 7.09 16.82 7.21
N THR A 84 7.21 17.73 6.24
CA THR A 84 8.44 18.53 6.14
C THR A 84 8.69 19.29 7.45
N ASN A 85 7.64 19.90 7.97
CA ASN A 85 7.72 20.67 9.20
C ASN A 85 8.26 19.83 10.34
N LEU A 86 7.68 18.65 10.54
CA LEU A 86 8.11 17.77 11.62
C LEU A 86 9.60 17.47 11.56
N CYS A 87 10.12 17.38 10.34
CA CYS A 87 11.54 17.12 10.17
C CYS A 87 12.35 18.38 10.50
N ALA A 88 11.81 19.55 10.15
CA ALA A 88 12.47 20.81 10.41
C ALA A 88 12.41 21.08 11.90
N ILE A 89 11.23 20.85 12.49
CA ILE A 89 11.04 21.04 13.92
C ILE A 89 12.06 20.12 14.58
N HIS A 90 12.08 18.85 14.15
CA HIS A 90 12.95 17.80 14.69
C HIS A 90 14.44 18.09 14.66
N ALA A 91 14.87 19.01 13.80
CA ALA A 91 16.29 19.36 13.73
C ALA A 91 16.54 20.65 14.51
N LYS A 92 15.60 21.02 15.36
CA LYS A 92 15.70 22.21 16.20
C LYS A 92 15.45 23.50 15.41
N ARG A 93 15.07 23.38 14.14
CA ARG A 93 14.81 24.56 13.34
C ARG A 93 13.33 24.86 13.24
N VAL A 94 13.01 26.02 12.68
CA VAL A 94 11.63 26.43 12.49
C VAL A 94 11.43 26.86 11.05
N THR A 95 12.46 26.65 10.24
CA THR A 95 12.43 26.99 8.82
C THR A 95 12.60 25.74 7.99
N ILE A 96 11.56 25.33 7.27
CA ILE A 96 11.65 24.15 6.43
C ILE A 96 12.72 24.36 5.36
N MET A 97 13.51 23.32 5.06
CA MET A 97 14.57 23.41 4.06
C MET A 97 14.45 22.30 3.04
N PRO A 98 15.14 22.43 1.90
CA PRO A 98 15.01 21.33 0.95
C PRO A 98 15.45 20.02 1.60
N LYS A 99 16.40 20.15 2.52
CA LYS A 99 16.97 19.03 3.23
C LYS A 99 15.89 18.25 3.96
N ASP A 100 14.94 18.98 4.54
CA ASP A 100 13.83 18.38 5.27
C ASP A 100 12.90 17.62 4.32
N ILE A 101 12.51 18.28 3.23
CA ILE A 101 11.63 17.70 2.23
C ILE A 101 12.12 16.34 1.75
N GLN A 102 13.40 16.26 1.42
CA GLN A 102 13.99 15.01 0.94
C GLN A 102 13.87 13.90 1.97
N LEU A 103 14.17 14.22 3.23
CA LEU A 103 14.06 13.22 4.27
C LEU A 103 12.65 12.67 4.29
N ALA A 104 11.68 13.55 4.55
CA ALA A 104 10.28 13.14 4.60
C ALA A 104 9.94 12.23 3.43
N ARG A 105 10.40 12.58 2.23
CA ARG A 105 10.12 11.77 1.07
C ARG A 105 10.92 10.47 1.12
N ARG A 106 12.15 10.53 1.61
CA ARG A 106 12.96 9.32 1.69
C ARG A 106 12.35 8.37 2.70
N ILE A 107 11.79 8.92 3.78
CA ILE A 107 11.16 8.09 4.80
C ILE A 107 9.89 7.49 4.23
N ARG A 108 9.13 8.29 3.49
CA ARG A 108 7.85 7.86 2.90
C ARG A 108 7.97 6.73 1.89
N GLY A 109 9.13 6.64 1.26
CA GLY A 109 9.34 5.61 0.26
C GLY A 109 9.24 6.14 -1.14
N GLU A 110 9.03 7.44 -1.28
CA GLU A 110 8.93 8.04 -2.60
C GLU A 110 10.30 8.01 -3.29
N ARG A 111 11.35 8.05 -2.48
CA ARG A 111 12.71 8.02 -2.99
C ARG A 111 13.69 7.40 -2.00
N ASN B 29 6.32 26.57 -17.84
CA ASN B 29 4.93 26.42 -17.30
C ASN B 29 4.94 26.17 -15.81
N ILE B 30 5.75 25.21 -15.37
CA ILE B 30 5.84 24.85 -13.97
C ILE B 30 6.07 26.08 -13.07
N GLN B 31 6.49 27.17 -13.71
CA GLN B 31 6.73 28.41 -12.99
C GLN B 31 5.39 29.10 -12.75
N GLY B 32 4.33 28.56 -13.38
CA GLY B 32 2.99 29.08 -13.19
C GLY B 32 2.73 28.95 -11.70
N ILE B 33 3.34 27.91 -11.13
CA ILE B 33 3.24 27.64 -9.70
C ILE B 33 4.13 28.69 -9.02
N THR B 34 3.52 29.83 -8.77
CA THR B 34 4.18 30.97 -8.15
C THR B 34 4.63 30.73 -6.72
N LYS B 35 5.65 31.46 -6.33
CA LYS B 35 6.22 31.36 -4.99
C LYS B 35 5.20 31.66 -3.88
N PRO B 36 4.32 32.64 -4.07
CA PRO B 36 3.35 32.94 -3.02
C PRO B 36 2.33 31.83 -2.85
N ALA B 37 2.07 31.12 -3.94
CA ALA B 37 1.11 30.04 -3.91
C ALA B 37 1.69 28.91 -3.08
N ILE B 38 2.93 28.56 -3.41
CA ILE B 38 3.64 27.51 -2.70
C ILE B 38 3.64 27.85 -1.22
N ARG B 39 3.93 29.12 -0.91
CA ARG B 39 3.95 29.59 0.46
C ARG B 39 2.60 29.32 1.11
N ARG B 40 1.53 29.56 0.35
CA ARG B 40 0.20 29.33 0.87
C ARG B 40 0.02 27.85 1.18
N LEU B 41 0.36 27.01 0.21
CA LEU B 41 0.25 25.57 0.39
C LEU B 41 0.94 25.14 1.69
N ALA B 42 2.15 25.63 1.90
CA ALA B 42 2.90 25.29 3.11
C ALA B 42 2.17 25.73 4.37
N ARG B 43 1.49 26.88 4.32
CA ARG B 43 0.76 27.39 5.47
C ARG B 43 -0.27 26.38 5.91
N ARG B 44 -1.13 26.02 4.97
CA ARG B 44 -2.18 25.05 5.24
C ARG B 44 -1.51 23.80 5.77
N GLY B 45 -0.24 23.65 5.40
CA GLY B 45 0.51 22.49 5.86
C GLY B 45 1.04 22.65 7.26
N GLY B 46 0.97 23.87 7.80
CA GLY B 46 1.43 24.13 9.15
C GLY B 46 2.83 24.71 9.26
N VAL B 47 3.38 25.18 8.13
CA VAL B 47 4.73 25.77 8.14
C VAL B 47 4.66 27.25 8.46
N LYS B 48 5.67 27.71 9.20
CA LYS B 48 5.77 29.10 9.60
C LYS B 48 6.94 29.81 8.90
N ARG B 49 8.04 29.11 8.72
CA ARG B 49 9.22 29.71 8.08
C ARG B 49 9.71 28.89 6.89
N ILE B 50 9.80 29.53 5.74
CA ILE B 50 10.22 28.85 4.51
C ILE B 50 11.55 29.33 3.92
N SER B 51 12.51 28.42 3.74
CA SER B 51 13.78 28.80 3.13
C SER B 51 13.45 29.25 1.72
N GLY B 52 14.31 30.06 1.12
CA GLY B 52 14.05 30.54 -0.21
C GLY B 52 14.27 29.48 -1.27
N LEU B 53 15.00 28.44 -0.89
CA LEU B 53 15.32 27.34 -1.80
C LEU B 53 14.16 26.39 -2.04
N ILE B 54 13.30 26.25 -1.03
CA ILE B 54 12.15 25.36 -1.14
C ILE B 54 11.44 25.51 -2.48
N TYR B 55 10.89 26.70 -2.73
CA TYR B 55 10.18 26.96 -3.97
C TYR B 55 10.62 26.15 -5.20
N GLU B 56 11.84 26.32 -5.69
CA GLU B 56 12.24 25.52 -6.85
C GLU B 56 12.00 24.06 -6.49
N GLU B 57 12.45 23.70 -5.30
CA GLU B 57 12.32 22.35 -4.77
C GLU B 57 10.86 21.90 -4.66
N THR B 58 9.97 22.79 -4.19
CA THR B 58 8.55 22.47 -4.05
C THR B 58 7.98 22.30 -5.44
N ARG B 59 8.56 23.03 -6.38
CA ARG B 59 8.16 22.99 -7.78
C ARG B 59 8.55 21.66 -8.41
N GLY B 60 9.76 21.22 -8.10
CA GLY B 60 10.27 19.98 -8.66
C GLY B 60 9.46 18.76 -8.31
N VAL B 61 9.25 18.54 -7.02
CA VAL B 61 8.48 17.40 -6.56
C VAL B 61 7.10 17.42 -7.24
N LEU B 62 6.45 18.60 -7.26
CA LEU B 62 5.14 18.77 -7.90
C LEU B 62 5.16 18.23 -9.33
N LYS B 63 6.09 18.74 -10.14
CA LYS B 63 6.24 18.28 -11.52
C LYS B 63 6.20 16.77 -11.54
N VAL B 64 7.00 16.16 -10.67
CA VAL B 64 7.04 14.71 -10.60
C VAL B 64 5.67 14.13 -10.30
N PHE B 65 4.97 14.65 -9.28
CA PHE B 65 3.65 14.12 -8.98
C PHE B 65 2.84 13.90 -10.27
N LEU B 66 2.51 14.99 -10.95
CA LEU B 66 1.73 14.88 -12.18
C LEU B 66 2.32 13.86 -13.17
N GLU B 67 3.61 13.95 -13.44
CA GLU B 67 4.26 13.03 -14.37
C GLU B 67 3.87 11.58 -14.13
N ASN B 68 3.88 11.19 -12.86
CA ASN B 68 3.54 9.83 -12.50
C ASN B 68 2.03 9.56 -12.57
N VAL B 69 1.25 10.48 -12.03
CA VAL B 69 -0.21 10.33 -12.03
C VAL B 69 -0.81 10.40 -13.45
N ILE B 70 -0.46 11.45 -14.18
CA ILE B 70 -0.95 11.60 -15.54
C ILE B 70 -0.56 10.41 -16.40
N ARG B 71 0.74 10.11 -16.45
CA ARG B 71 1.22 8.97 -17.25
C ARG B 71 0.35 7.74 -17.15
N ASP B 72 0.12 7.29 -15.92
CA ASP B 72 -0.72 6.13 -15.67
C ASP B 72 -2.12 6.48 -16.10
N ALA B 73 -2.49 7.75 -15.89
CA ALA B 73 -3.82 8.22 -16.26
C ALA B 73 -4.05 8.05 -17.75
N VAL B 74 -3.19 8.66 -18.55
CA VAL B 74 -3.30 8.55 -20.00
C VAL B 74 -3.33 7.11 -20.47
N THR B 75 -2.39 6.29 -20.00
CA THR B 75 -2.31 4.88 -20.38
C THR B 75 -3.70 4.25 -20.32
N TYR B 76 -4.45 4.64 -19.29
CA TYR B 76 -5.81 4.18 -19.06
C TYR B 76 -6.72 4.72 -20.17
N THR B 77 -6.53 5.99 -20.51
CA THR B 77 -7.31 6.63 -21.56
C THR B 77 -6.97 5.94 -22.91
N GLU B 78 -5.69 5.80 -23.19
CA GLU B 78 -5.29 5.17 -24.44
C GLU B 78 -5.85 3.77 -24.58
N HIS B 79 -5.80 2.99 -23.51
CA HIS B 79 -6.35 1.65 -23.60
C HIS B 79 -7.80 1.85 -24.00
N ALA B 80 -8.44 2.86 -23.40
CA ALA B 80 -9.84 3.20 -23.67
C ALA B 80 -10.06 3.65 -25.13
N LYS B 81 -9.03 4.25 -25.72
CA LYS B 81 -9.02 4.75 -27.09
C LYS B 81 -9.61 6.14 -27.25
N ARG B 82 -10.15 6.67 -26.17
CA ARG B 82 -10.72 8.01 -26.16
C ARG B 82 -9.60 9.02 -26.40
N LYS B 83 -9.97 10.21 -26.87
CA LYS B 83 -9.03 11.30 -27.14
C LYS B 83 -9.21 12.35 -26.04
N THR B 84 -10.09 12.04 -25.10
CA THR B 84 -10.39 12.93 -23.98
C THR B 84 -10.14 12.20 -22.66
N VAL B 85 -9.46 12.89 -21.75
CA VAL B 85 -9.13 12.39 -20.43
C VAL B 85 -10.30 12.66 -19.48
N THR B 86 -11.12 11.66 -19.20
CA THR B 86 -12.26 11.85 -18.31
C THR B 86 -11.76 12.11 -16.89
N ALA B 87 -12.66 12.56 -16.02
CA ALA B 87 -12.28 12.83 -14.64
C ALA B 87 -11.93 11.47 -14.08
N MET B 88 -12.62 10.47 -14.60
CA MET B 88 -12.46 9.08 -14.19
C MET B 88 -11.06 8.52 -14.38
N ASP B 89 -10.50 8.78 -15.57
CA ASP B 89 -9.16 8.32 -15.88
C ASP B 89 -8.23 8.70 -14.72
N VAL B 90 -8.34 9.95 -14.27
CA VAL B 90 -7.53 10.44 -13.18
C VAL B 90 -7.77 9.64 -11.91
N VAL B 91 -9.03 9.45 -11.57
CA VAL B 91 -9.34 8.70 -10.37
C VAL B 91 -8.64 7.34 -10.34
N TYR B 92 -8.82 6.56 -11.41
CA TYR B 92 -8.19 5.25 -11.50
C TYR B 92 -6.69 5.33 -11.31
N ALA B 93 -6.07 6.29 -11.96
CA ALA B 93 -4.64 6.50 -11.87
C ALA B 93 -4.22 6.86 -10.45
N LEU B 94 -5.01 7.70 -9.79
CA LEU B 94 -4.68 8.10 -8.43
C LEU B 94 -4.70 6.89 -7.52
N LYS B 95 -5.72 6.04 -7.66
CA LYS B 95 -5.83 4.83 -6.83
C LYS B 95 -4.62 3.93 -7.00
N ARG B 96 -4.13 3.81 -8.23
CA ARG B 96 -2.96 2.99 -8.52
C ARG B 96 -1.74 3.53 -7.82
N GLN B 97 -1.69 4.84 -7.69
CA GLN B 97 -0.58 5.51 -7.03
C GLN B 97 -0.73 5.45 -5.51
N GLY B 98 -1.89 5.00 -5.06
CA GLY B 98 -2.14 4.89 -3.63
C GLY B 98 -2.80 6.13 -3.08
N ARG B 99 -2.67 7.22 -3.82
CA ARG B 99 -3.25 8.50 -3.42
C ARG B 99 -4.76 8.57 -3.80
N THR B 100 -5.58 7.71 -3.19
CA THR B 100 -7.04 7.65 -3.49
C THR B 100 -7.75 9.00 -3.34
N LEU B 101 -8.76 9.23 -4.20
CA LEU B 101 -9.49 10.48 -4.21
C LEU B 101 -11.01 10.30 -4.21
N TYR B 102 -11.72 11.16 -3.48
CA TYR B 102 -13.20 11.09 -3.39
C TYR B 102 -13.90 12.31 -4.01
N GLY B 103 -15.14 12.10 -4.48
CA GLY B 103 -15.93 13.21 -5.04
C GLY B 103 -15.96 13.47 -6.54
N PHE B 104 -15.30 12.63 -7.34
CA PHE B 104 -15.29 12.82 -8.79
C PHE B 104 -15.71 11.55 -9.55
N LYS C 17 1.64 -34.30 -35.03
CA LYS C 17 1.68 -35.03 -33.71
C LYS C 17 1.15 -34.12 -32.62
N ALA C 18 1.81 -34.11 -31.47
CA ALA C 18 1.38 -33.27 -30.34
C ALA C 18 2.43 -32.19 -30.02
N LYS C 19 1.96 -30.95 -29.87
CA LYS C 19 2.86 -29.83 -29.57
C LYS C 19 2.31 -29.00 -28.41
N THR C 20 3.20 -28.56 -27.53
CA THR C 20 2.80 -27.74 -26.39
C THR C 20 2.52 -26.35 -26.94
N ARG C 21 1.55 -25.64 -26.38
CA ARG C 21 1.25 -24.30 -26.88
C ARG C 21 2.42 -23.34 -26.65
N SER C 22 3.14 -23.56 -25.56
CA SER C 22 4.29 -22.74 -25.20
C SER C 22 5.33 -22.80 -26.31
N SER C 23 5.54 -24.00 -26.85
CA SER C 23 6.53 -24.19 -27.92
C SER C 23 6.13 -23.41 -29.15
N ARG C 24 4.84 -23.26 -29.37
CA ARG C 24 4.33 -22.52 -30.51
C ARG C 24 4.84 -21.10 -30.39
N ALA C 25 4.85 -20.60 -29.16
CA ALA C 25 5.34 -19.25 -28.86
C ALA C 25 6.80 -19.31 -28.47
N GLY C 26 7.31 -20.53 -28.34
CA GLY C 26 8.70 -20.72 -27.98
C GLY C 26 9.06 -20.20 -26.60
N LEU C 27 8.23 -20.47 -25.60
CA LEU C 27 8.48 -20.01 -24.24
C LEU C 27 8.77 -21.22 -23.35
N GLN C 28 9.46 -21.00 -22.24
CA GLN C 28 9.78 -22.08 -21.30
C GLN C 28 8.66 -22.21 -20.30
N PHE C 29 8.08 -21.08 -19.95
CA PHE C 29 6.99 -21.07 -19.01
C PHE C 29 5.77 -21.78 -19.60
N PRO C 30 4.92 -22.35 -18.74
CA PRO C 30 3.69 -23.08 -19.11
C PRO C 30 2.51 -22.18 -19.50
N VAL C 31 2.25 -22.06 -20.80
CA VAL C 31 1.14 -21.23 -21.23
C VAL C 31 -0.19 -21.82 -20.82
N GLY C 32 -0.27 -23.15 -20.80
CA GLY C 32 -1.49 -23.82 -20.42
C GLY C 32 -1.84 -23.54 -18.97
N ARG C 33 -0.81 -23.52 -18.13
CA ARG C 33 -1.01 -23.23 -16.73
C ARG C 33 -1.44 -21.79 -16.57
N VAL C 34 -0.70 -20.89 -17.20
CA VAL C 34 -1.04 -19.49 -17.10
C VAL C 34 -2.47 -19.22 -17.57
N HIS C 35 -2.88 -19.85 -18.67
CA HIS C 35 -4.23 -19.66 -19.17
C HIS C 35 -5.27 -20.22 -18.22
N ARG C 36 -5.04 -21.43 -17.72
CA ARG C 36 -5.97 -22.05 -16.79
C ARG C 36 -6.06 -21.29 -15.48
N LEU C 37 -4.93 -20.75 -15.02
CA LEU C 37 -4.90 -20.00 -13.77
C LEU C 37 -5.64 -18.68 -13.95
N LEU C 38 -5.63 -18.17 -15.18
CA LEU C 38 -6.32 -16.92 -15.49
C LEU C 38 -7.81 -17.21 -15.48
N ARG C 39 -8.20 -18.36 -16.02
CA ARG C 39 -9.61 -18.75 -16.05
C ARG C 39 -10.17 -18.94 -14.64
N LYS C 40 -9.56 -19.84 -13.88
CA LYS C 40 -9.97 -20.14 -12.50
C LYS C 40 -9.85 -18.98 -11.51
N GLY C 41 -9.11 -17.94 -11.90
CA GLY C 41 -8.88 -16.81 -11.01
C GLY C 41 -10.01 -15.81 -10.86
N ASN C 42 -11.01 -15.91 -11.73
CA ASN C 42 -12.14 -15.00 -11.66
C ASN C 42 -11.71 -13.59 -12.05
N TYR C 43 -10.54 -13.44 -12.65
CA TYR C 43 -10.07 -12.12 -13.06
C TYR C 43 -11.00 -11.52 -14.09
N SER C 44 -11.52 -12.36 -14.99
CA SER C 44 -12.43 -11.90 -16.02
C SER C 44 -13.36 -13.03 -16.40
N GLU C 45 -14.39 -12.72 -17.19
CA GLU C 45 -15.33 -13.75 -17.62
C GLU C 45 -14.80 -14.50 -18.85
N ARG C 46 -14.14 -13.79 -19.76
CA ARG C 46 -13.54 -14.41 -20.95
C ARG C 46 -12.04 -14.11 -20.97
N VAL C 47 -11.23 -15.12 -21.24
CA VAL C 47 -9.80 -14.94 -21.30
C VAL C 47 -9.39 -15.20 -22.75
N GLY C 48 -8.92 -14.16 -23.43
CA GLY C 48 -8.51 -14.30 -24.83
C GLY C 48 -7.42 -15.34 -24.96
N ALA C 49 -7.14 -15.81 -26.17
CA ALA C 49 -6.09 -16.82 -26.30
C ALA C 49 -4.72 -16.19 -26.32
N GLY C 50 -4.65 -14.90 -26.67
CA GLY C 50 -3.37 -14.23 -26.72
C GLY C 50 -2.82 -13.81 -25.37
N ALA C 51 -3.73 -13.49 -24.45
CA ALA C 51 -3.34 -13.05 -23.11
C ALA C 51 -2.46 -14.04 -22.35
N PRO C 52 -2.88 -15.31 -22.26
CA PRO C 52 -2.07 -16.31 -21.54
C PRO C 52 -0.63 -16.38 -22.01
N VAL C 53 -0.43 -16.34 -23.32
CA VAL C 53 0.89 -16.39 -23.89
C VAL C 53 1.59 -15.09 -23.51
N TYR C 54 1.00 -13.97 -23.90
CA TYR C 54 1.55 -12.65 -23.60
C TYR C 54 2.05 -12.60 -22.15
N LEU C 55 1.17 -12.93 -21.21
CA LEU C 55 1.50 -12.94 -19.79
C LEU C 55 2.65 -13.92 -19.54
N ALA C 56 2.42 -15.19 -19.82
CA ALA C 56 3.42 -16.24 -19.63
C ALA C 56 4.80 -15.81 -20.09
N ALA C 57 4.82 -15.03 -21.16
CA ALA C 57 6.08 -14.55 -21.73
C ALA C 57 6.67 -13.48 -20.84
N VAL C 58 5.82 -12.58 -20.37
CA VAL C 58 6.26 -11.50 -19.50
C VAL C 58 6.92 -12.06 -18.25
N LEU C 59 6.31 -13.04 -17.59
CA LEU C 59 6.92 -13.60 -16.37
C LEU C 59 8.23 -14.32 -16.70
N GLU C 60 8.23 -15.14 -17.76
CA GLU C 60 9.46 -15.84 -18.13
C GLU C 60 10.59 -14.82 -18.22
N TYR C 61 10.36 -13.77 -19.00
CA TYR C 61 11.35 -12.71 -19.15
C TYR C 61 11.81 -12.19 -17.80
N LEU C 62 10.87 -11.69 -17.00
CA LEU C 62 11.20 -11.17 -15.67
C LEU C 62 11.98 -12.18 -14.86
N THR C 63 11.63 -13.46 -14.98
CA THR C 63 12.35 -14.48 -14.26
C THR C 63 13.80 -14.53 -14.75
N ALA C 64 14.00 -14.50 -16.07
CA ALA C 64 15.37 -14.52 -16.62
C ALA C 64 16.19 -13.29 -16.19
N GLU C 65 15.54 -12.14 -16.09
CA GLU C 65 16.21 -10.90 -15.68
C GLU C 65 16.78 -11.13 -14.27
N ILE C 66 15.88 -11.47 -13.34
CA ILE C 66 16.24 -11.72 -11.94
C ILE C 66 17.32 -12.81 -11.80
N LEU C 67 17.18 -13.89 -12.55
CA LEU C 67 18.16 -14.98 -12.50
C LEU C 67 19.52 -14.52 -13.00
N GLU C 68 19.51 -13.66 -14.00
CA GLU C 68 20.75 -13.15 -14.59
C GLU C 68 21.60 -12.44 -13.56
N LEU C 69 21.03 -11.38 -12.98
CA LEU C 69 21.72 -10.56 -12.00
C LEU C 69 22.18 -11.34 -10.78
N ALA C 70 21.44 -12.37 -10.40
CA ALA C 70 21.81 -13.16 -9.24
C ALA C 70 23.04 -13.98 -9.58
N GLY C 71 22.96 -14.68 -10.72
CA GLY C 71 24.07 -15.48 -11.16
C GLY C 71 25.38 -14.79 -10.87
N ASN C 72 25.57 -13.63 -11.47
CA ASN C 72 26.79 -12.87 -11.29
C ASN C 72 27.13 -12.74 -9.81
N ALA C 73 26.13 -12.37 -9.00
CA ALA C 73 26.34 -12.20 -7.56
C ALA C 73 26.95 -13.44 -6.96
N ALA C 74 26.50 -14.59 -7.46
CA ALA C 74 27.00 -15.87 -7.00
C ALA C 74 28.46 -16.00 -7.41
N ARG C 75 28.76 -15.60 -8.64
CA ARG C 75 30.12 -15.67 -9.17
C ARG C 75 30.98 -14.62 -8.47
N ASP C 76 30.39 -13.45 -8.26
CA ASP C 76 31.10 -12.37 -7.58
C ASP C 76 31.61 -12.94 -6.26
N ASN C 77 30.75 -13.72 -5.59
CA ASN C 77 31.07 -14.32 -4.30
C ASN C 77 31.70 -15.71 -4.37
N LYS C 78 32.02 -16.15 -5.58
CA LYS C 78 32.65 -17.45 -5.75
C LYS C 78 31.76 -18.62 -5.33
N LYS C 79 30.47 -18.52 -5.64
CA LYS C 79 29.50 -19.57 -5.32
C LYS C 79 28.92 -20.03 -6.65
N THR C 80 28.72 -21.33 -6.81
CA THR C 80 28.15 -21.82 -8.06
C THR C 80 26.66 -22.08 -7.87
N ARG C 81 26.17 -21.85 -6.66
CA ARG C 81 24.77 -22.06 -6.31
C ARG C 81 24.15 -20.76 -5.77
N ILE C 82 23.07 -20.34 -6.42
CA ILE C 82 22.33 -19.13 -6.06
C ILE C 82 21.61 -19.30 -4.74
N ILE C 83 21.83 -18.40 -3.80
CA ILE C 83 21.12 -18.50 -2.55
C ILE C 83 20.32 -17.22 -2.45
N PRO C 84 19.48 -17.09 -1.42
CA PRO C 84 18.70 -15.86 -1.31
C PRO C 84 19.55 -14.58 -1.36
N ARG C 85 20.53 -14.46 -0.47
CA ARG C 85 21.39 -13.27 -0.45
C ARG C 85 21.64 -12.69 -1.84
N HIS C 86 22.04 -13.54 -2.77
CA HIS C 86 22.29 -13.07 -4.14
C HIS C 86 21.06 -12.40 -4.75
N LEU C 87 19.89 -13.00 -4.54
CA LEU C 87 18.67 -12.44 -5.09
C LEU C 87 18.43 -11.03 -4.54
N GLN C 88 18.49 -10.92 -3.22
CA GLN C 88 18.31 -9.65 -2.53
C GLN C 88 19.26 -8.63 -3.16
N LEU C 89 20.55 -8.94 -3.18
CA LEU C 89 21.55 -8.05 -3.78
C LEU C 89 21.17 -7.69 -5.20
N ALA C 90 20.82 -8.70 -5.99
CA ALA C 90 20.46 -8.48 -7.37
C ALA C 90 19.34 -7.48 -7.39
N ILE C 91 18.23 -7.84 -6.74
CA ILE C 91 17.08 -6.97 -6.70
C ILE C 91 17.33 -5.56 -6.13
N ARG C 92 18.16 -5.44 -5.10
CA ARG C 92 18.39 -4.12 -4.53
C ARG C 92 19.41 -3.26 -5.26
N ASN C 93 20.38 -3.88 -5.95
CA ASN C 93 21.39 -3.10 -6.67
C ASN C 93 20.85 -2.49 -7.96
N ASP C 94 19.97 -3.22 -8.63
CA ASP C 94 19.36 -2.74 -9.85
C ASP C 94 18.26 -1.76 -9.40
N GLU C 95 18.29 -0.54 -9.94
CA GLU C 95 17.32 0.49 -9.57
C GLU C 95 15.88 0.14 -9.88
N GLU C 96 15.64 -0.31 -11.11
CA GLU C 96 14.31 -0.67 -11.58
C GLU C 96 13.67 -1.90 -10.91
N LEU C 97 14.44 -2.98 -10.75
CA LEU C 97 13.91 -4.19 -10.13
C LEU C 97 13.60 -3.88 -8.69
N ASN C 98 14.45 -3.05 -8.09
CA ASN C 98 14.26 -2.64 -6.72
C ASN C 98 12.86 -2.06 -6.66
N LYS C 99 12.63 -0.99 -7.43
CA LYS C 99 11.33 -0.34 -7.49
C LYS C 99 10.19 -1.35 -7.56
N LEU C 100 10.19 -2.18 -8.60
CA LEU C 100 9.14 -3.17 -8.76
C LEU C 100 8.92 -4.01 -7.51
N LEU C 101 9.98 -4.37 -6.81
CA LEU C 101 9.84 -5.16 -5.59
C LEU C 101 10.19 -4.31 -4.37
N GLY C 102 9.69 -3.08 -4.34
CA GLY C 102 9.98 -2.17 -3.23
C GLY C 102 9.34 -2.57 -1.93
N ARG C 103 8.08 -2.98 -2.01
CA ARG C 103 7.30 -3.38 -0.84
C ARG C 103 7.59 -4.77 -0.29
N VAL C 104 8.29 -5.57 -1.08
CA VAL C 104 8.62 -6.95 -0.70
C VAL C 104 9.88 -7.19 0.12
N THR C 105 9.88 -8.29 0.86
CA THR C 105 11.03 -8.66 1.67
C THR C 105 11.37 -10.11 1.37
N ILE C 106 12.63 -10.35 1.04
CA ILE C 106 13.12 -11.68 0.71
C ILE C 106 13.64 -12.34 1.98
N ALA C 107 13.09 -13.50 2.35
CA ALA C 107 13.55 -14.20 3.54
C ALA C 107 15.04 -14.52 3.43
N GLN C 108 15.82 -14.13 4.43
CA GLN C 108 17.27 -14.39 4.43
C GLN C 108 18.03 -13.49 3.48
N GLY C 109 17.34 -12.47 2.96
CA GLY C 109 17.98 -11.57 2.01
C GLY C 109 19.09 -10.70 2.56
N GLY C 110 19.05 -10.40 3.85
CA GLY C 110 20.07 -9.52 4.43
C GLY C 110 19.91 -8.14 3.85
N VAL C 111 20.89 -7.26 4.04
CA VAL C 111 20.78 -5.93 3.46
C VAL C 111 22.05 -5.47 2.77
N LEU C 112 21.86 -4.64 1.74
CA LEU C 112 22.97 -4.09 1.00
C LEU C 112 23.88 -3.39 2.01
N PRO C 113 25.19 -3.70 2.00
CA PRO C 113 26.01 -2.99 2.98
C PRO C 113 25.93 -1.49 2.74
N ASN C 114 25.88 -0.72 3.83
CA ASN C 114 25.81 0.72 3.70
C ASN C 114 25.98 1.38 5.06
N ILE C 115 27.11 2.05 5.24
CA ILE C 115 27.39 2.75 6.49
C ILE C 115 27.24 4.24 6.17
N GLN C 116 26.60 5.00 7.04
CA GLN C 116 26.43 6.43 6.77
C GLN C 116 27.73 7.20 6.73
N ALA C 117 27.78 8.20 5.85
CA ALA C 117 28.97 9.04 5.68
C ALA C 117 29.49 9.60 7.01
N VAL C 118 28.60 10.25 7.76
CA VAL C 118 28.96 10.85 9.05
C VAL C 118 29.52 9.87 10.07
N LEU C 119 28.96 8.67 10.11
CA LEU C 119 29.37 7.65 11.06
C LEU C 119 30.82 7.14 10.96
N LEU C 120 31.41 7.24 9.76
CA LEU C 120 32.79 6.78 9.57
C LEU C 120 33.80 7.62 10.36
N PRO C 121 34.95 7.00 10.73
CA PRO C 121 36.00 7.67 11.49
C PRO C 121 36.71 8.85 10.83
N LYS C 122 37.22 9.74 11.68
CA LYS C 122 37.99 10.94 11.30
C LYS C 122 37.81 12.09 12.28
N LYS D 34 -3.93 -40.85 -1.68
CA LYS D 34 -3.81 -39.65 -0.80
C LYS D 34 -2.46 -38.98 -1.03
N ARG D 35 -2.22 -38.51 -2.25
CA ARG D 35 -0.94 -37.88 -2.59
C ARG D 35 -0.87 -36.38 -2.34
N SER D 36 -1.87 -35.65 -2.83
CA SER D 36 -1.93 -34.20 -2.66
C SER D 36 -0.79 -33.51 -3.43
N ARG D 37 -0.90 -33.47 -4.76
CA ARG D 37 0.12 -32.86 -5.61
C ARG D 37 -0.06 -31.35 -5.83
N LYS D 38 0.77 -30.53 -5.21
CA LYS D 38 0.67 -29.10 -5.42
C LYS D 38 1.74 -28.74 -6.45
N GLU D 39 1.37 -27.93 -7.43
CA GLU D 39 2.28 -27.54 -8.49
C GLU D 39 2.99 -26.21 -8.19
N SER D 40 4.12 -25.99 -8.86
CA SER D 40 4.92 -24.77 -8.68
C SER D 40 5.60 -24.45 -9.99
N TYR D 41 6.13 -23.24 -10.10
CA TYR D 41 6.82 -22.84 -11.32
C TYR D 41 8.27 -23.33 -11.29
N SER D 42 8.59 -24.13 -10.27
CA SER D 42 9.94 -24.65 -10.09
C SER D 42 10.64 -25.21 -11.34
N ILE D 43 9.99 -26.13 -12.02
CA ILE D 43 10.55 -26.74 -13.22
C ILE D 43 10.93 -25.69 -14.25
N TYR D 44 10.01 -24.76 -14.48
CA TYR D 44 10.19 -23.69 -15.46
C TYR D 44 11.28 -22.70 -15.08
N VAL D 45 11.35 -22.31 -13.81
CA VAL D 45 12.38 -21.37 -13.38
C VAL D 45 13.74 -21.99 -13.65
N TYR D 46 13.85 -23.28 -13.33
CA TYR D 46 15.11 -23.99 -13.52
C TYR D 46 15.53 -23.98 -14.99
N LYS D 47 14.62 -24.32 -15.89
CA LYS D 47 14.96 -24.34 -17.31
C LYS D 47 15.56 -22.98 -17.68
N VAL D 48 14.91 -21.92 -17.22
CA VAL D 48 15.37 -20.56 -17.50
C VAL D 48 16.70 -20.28 -16.83
N LEU D 49 16.97 -20.93 -15.71
CA LEU D 49 18.24 -20.70 -15.02
C LEU D 49 19.40 -21.25 -15.85
N LYS D 50 19.15 -22.35 -16.54
CA LYS D 50 20.18 -22.95 -17.37
C LYS D 50 20.46 -22.14 -18.62
N GLN D 51 19.42 -21.43 -19.10
CA GLN D 51 19.53 -20.61 -20.29
C GLN D 51 20.48 -19.44 -20.11
N VAL D 52 20.36 -18.74 -18.98
CA VAL D 52 21.21 -17.59 -18.69
C VAL D 52 22.61 -18.02 -18.24
N HIS D 53 22.67 -19.01 -17.34
CA HIS D 53 23.93 -19.56 -16.81
C HIS D 53 23.91 -21.07 -16.76
N PRO D 54 24.58 -21.73 -17.72
CA PRO D 54 24.58 -23.19 -17.72
C PRO D 54 25.20 -23.84 -16.47
N ASP D 55 26.31 -23.28 -16.03
CA ASP D 55 27.07 -23.78 -14.88
C ASP D 55 26.47 -23.54 -13.49
N THR D 56 25.64 -22.51 -13.37
CA THR D 56 25.03 -22.15 -12.11
C THR D 56 23.78 -22.96 -11.74
N GLY D 57 23.52 -23.05 -10.43
CA GLY D 57 22.37 -23.78 -9.92
C GLY D 57 21.72 -22.98 -8.79
N ILE D 58 20.48 -23.32 -8.45
CA ILE D 58 19.78 -22.58 -7.40
C ILE D 58 19.32 -23.49 -6.27
N SER D 59 19.29 -22.94 -5.05
CA SER D 59 18.90 -23.70 -3.86
C SER D 59 17.42 -23.66 -3.54
N SER D 60 16.98 -24.61 -2.72
CA SER D 60 15.58 -24.73 -2.32
C SER D 60 15.03 -23.39 -1.85
N LYS D 61 15.63 -22.85 -0.81
CA LYS D 61 15.21 -21.57 -0.25
C LYS D 61 15.07 -20.49 -1.35
N ALA D 62 16.02 -20.49 -2.28
CA ALA D 62 16.01 -19.51 -3.37
C ALA D 62 14.91 -19.82 -4.36
N MET D 63 14.65 -21.10 -4.60
CA MET D 63 13.61 -21.48 -5.53
C MET D 63 12.30 -20.93 -5.02
N GLY D 64 12.00 -21.21 -3.76
CA GLY D 64 10.77 -20.74 -3.13
C GLY D 64 10.58 -19.26 -3.39
N ILE D 65 11.63 -18.48 -3.16
CA ILE D 65 11.61 -17.05 -3.40
C ILE D 65 11.17 -16.79 -4.84
N MET D 66 11.78 -17.53 -5.76
CA MET D 66 11.48 -17.39 -7.17
C MET D 66 9.99 -17.62 -7.42
N ASN D 67 9.47 -18.73 -6.93
CA ASN D 67 8.06 -19.06 -7.14
C ASN D 67 7.14 -17.99 -6.63
N SER D 68 7.56 -17.35 -5.56
CA SER D 68 6.76 -16.32 -5.00
C SER D 68 6.76 -15.12 -5.94
N PHE D 69 7.95 -14.74 -6.41
CA PHE D 69 8.08 -13.63 -7.33
C PHE D 69 7.14 -13.83 -8.51
N VAL D 70 7.29 -14.98 -9.17
CA VAL D 70 6.46 -15.33 -10.32
C VAL D 70 4.97 -15.15 -9.99
N ASN D 71 4.55 -15.73 -8.87
CA ASN D 71 3.16 -15.69 -8.40
C ASN D 71 2.70 -14.29 -8.08
N ASP D 72 3.53 -13.56 -7.36
CA ASP D 72 3.21 -12.17 -7.02
C ASP D 72 2.93 -11.44 -8.35
N ILE D 73 3.96 -11.26 -9.16
CA ILE D 73 3.85 -10.58 -10.45
C ILE D 73 2.64 -11.10 -11.24
N PHE D 74 2.42 -12.42 -11.19
CA PHE D 74 1.29 -13.00 -11.91
C PHE D 74 -0.02 -12.37 -11.44
N GLU D 75 -0.14 -12.21 -10.12
CA GLU D 75 -1.36 -11.64 -9.58
C GLU D 75 -1.50 -10.17 -9.93
N ARG D 76 -0.40 -9.41 -9.86
CA ARG D 76 -0.47 -8.00 -10.17
C ARG D 76 -1.00 -7.75 -11.57
N ILE D 77 -0.40 -8.41 -12.55
CA ILE D 77 -0.80 -8.24 -13.94
C ILE D 77 -2.25 -8.67 -14.20
N ALA D 78 -2.64 -9.84 -13.71
CA ALA D 78 -4.00 -10.34 -13.92
C ALA D 78 -5.04 -9.51 -13.17
N GLY D 79 -4.70 -9.15 -11.94
CA GLY D 79 -5.59 -8.35 -11.13
C GLY D 79 -5.74 -6.99 -11.78
N GLU D 80 -4.60 -6.38 -12.10
CA GLU D 80 -4.59 -5.07 -12.75
C GLU D 80 -5.18 -5.14 -14.15
N ALA D 81 -5.16 -6.33 -14.74
CA ALA D 81 -5.72 -6.48 -16.08
C ALA D 81 -7.23 -6.52 -15.94
N SER D 82 -7.71 -7.16 -14.89
CA SER D 82 -9.14 -7.23 -14.68
C SER D 82 -9.70 -5.81 -14.59
N ARG D 83 -9.02 -4.96 -13.82
CA ARG D 83 -9.47 -3.58 -13.68
C ARG D 83 -9.70 -2.92 -15.02
N LEU D 84 -8.70 -2.98 -15.90
CA LEU D 84 -8.82 -2.39 -17.24
C LEU D 84 -10.12 -2.86 -17.89
N ALA D 85 -10.28 -4.18 -17.98
CA ALA D 85 -11.47 -4.78 -18.57
C ALA D 85 -12.74 -4.24 -17.93
N HIS D 86 -12.78 -4.26 -16.60
CA HIS D 86 -13.94 -3.77 -15.86
C HIS D 86 -14.16 -2.28 -16.06
N TYR D 87 -13.09 -1.50 -16.03
CA TYR D 87 -13.25 -0.06 -16.20
C TYR D 87 -13.87 0.24 -17.55
N ASN D 88 -13.58 -0.59 -18.55
CA ASN D 88 -14.12 -0.39 -19.90
C ASN D 88 -15.31 -1.29 -20.26
N LYS D 89 -15.94 -1.84 -19.24
CA LYS D 89 -17.11 -2.68 -19.43
C LYS D 89 -16.88 -3.82 -20.44
N ARG D 90 -15.68 -4.38 -20.44
CA ARG D 90 -15.37 -5.49 -21.33
C ARG D 90 -15.59 -6.77 -20.52
N SER D 91 -16.07 -7.81 -21.18
CA SER D 91 -16.33 -9.08 -20.51
C SER D 91 -15.19 -10.08 -20.69
N THR D 92 -14.20 -9.69 -21.51
CA THR D 92 -13.05 -10.53 -21.80
C THR D 92 -11.69 -9.85 -21.67
N ILE D 93 -10.69 -10.59 -21.19
CA ILE D 93 -9.33 -10.08 -21.04
C ILE D 93 -8.52 -10.45 -22.28
N THR D 94 -8.26 -9.48 -23.14
CA THR D 94 -7.51 -9.72 -24.36
C THR D 94 -6.02 -9.73 -24.03
N SER D 95 -5.21 -10.24 -24.96
CA SER D 95 -3.78 -10.24 -24.76
C SER D 95 -3.37 -8.78 -24.66
N ARG D 96 -4.21 -7.92 -25.25
CA ARG D 96 -3.97 -6.49 -25.26
C ARG D 96 -4.07 -5.89 -23.85
N GLU D 97 -5.07 -6.32 -23.09
CA GLU D 97 -5.23 -5.79 -21.74
C GLU D 97 -4.02 -6.14 -20.88
N ILE D 98 -3.45 -7.31 -21.08
CA ILE D 98 -2.26 -7.73 -20.34
C ILE D 98 -1.19 -6.68 -20.57
N GLN D 99 -0.97 -6.34 -21.84
CA GLN D 99 0.03 -5.36 -22.23
C GLN D 99 -0.09 -4.01 -21.53
N THR D 100 -1.30 -3.46 -21.50
CA THR D 100 -1.54 -2.17 -20.87
C THR D 100 -1.30 -2.24 -19.37
N ALA D 101 -1.59 -3.41 -18.80
CA ALA D 101 -1.38 -3.62 -17.39
C ALA D 101 0.12 -3.63 -17.16
N VAL D 102 0.84 -4.31 -18.04
CA VAL D 102 2.27 -4.39 -17.91
C VAL D 102 2.89 -3.00 -17.90
N ARG D 103 2.46 -2.13 -18.79
CA ARG D 103 3.00 -0.78 -18.86
C ARG D 103 2.89 -0.05 -17.53
N LEU D 104 1.73 -0.23 -16.88
CA LEU D 104 1.44 0.42 -15.60
C LEU D 104 2.20 -0.24 -14.47
N LEU D 105 2.26 -1.57 -14.52
CA LEU D 105 2.94 -2.37 -13.49
C LEU D 105 4.45 -2.40 -13.52
N LEU D 106 5.03 -2.47 -14.71
CA LEU D 106 6.47 -2.50 -14.86
C LEU D 106 7.08 -1.12 -15.07
N PRO D 107 8.26 -0.88 -14.51
CA PRO D 107 8.91 0.41 -14.67
C PRO D 107 10.04 0.41 -15.69
N GLY D 108 10.13 1.52 -16.41
CA GLY D 108 11.17 1.71 -17.40
C GLY D 108 11.49 0.66 -18.43
N GLU D 109 12.79 0.48 -18.68
CA GLU D 109 13.27 -0.47 -19.65
C GLU D 109 12.70 -1.87 -19.41
N LEU D 110 12.60 -2.26 -18.15
CA LEU D 110 12.07 -3.57 -17.82
C LEU D 110 10.70 -3.70 -18.48
N ALA D 111 9.91 -2.65 -18.38
CA ALA D 111 8.58 -2.64 -18.99
C ALA D 111 8.71 -2.84 -20.50
N LYS D 112 9.58 -2.05 -21.12
CA LYS D 112 9.80 -2.10 -22.57
C LYS D 112 10.19 -3.47 -23.06
N HIS D 113 11.13 -4.09 -22.37
CA HIS D 113 11.55 -5.42 -22.77
C HIS D 113 10.35 -6.37 -22.61
N ALA D 114 9.65 -6.23 -21.49
CA ALA D 114 8.48 -7.05 -21.22
C ALA D 114 7.58 -7.10 -22.45
N VAL D 115 7.04 -5.95 -22.81
CA VAL D 115 6.16 -5.85 -23.96
C VAL D 115 6.75 -6.54 -25.20
N SER D 116 8.01 -6.27 -25.48
CA SER D 116 8.70 -6.86 -26.63
C SER D 116 8.66 -8.39 -26.65
N GLU D 117 9.04 -9.00 -25.53
CA GLU D 117 9.06 -10.46 -25.40
C GLU D 117 7.66 -11.04 -25.54
N GLY D 118 6.67 -10.35 -25.01
CA GLY D 118 5.31 -10.83 -25.09
C GLY D 118 4.80 -10.80 -26.51
N THR D 119 4.73 -9.60 -27.07
CA THR D 119 4.28 -9.44 -28.44
C THR D 119 4.97 -10.48 -29.31
N LYS D 120 6.28 -10.63 -29.18
CA LYS D 120 7.01 -11.64 -29.95
C LYS D 120 6.32 -12.98 -29.78
N ALA D 121 6.17 -13.40 -28.52
CA ALA D 121 5.54 -14.67 -28.19
C ALA D 121 4.16 -14.80 -28.83
N VAL D 122 3.34 -13.77 -28.69
CA VAL D 122 1.99 -13.78 -29.25
C VAL D 122 1.99 -13.81 -30.77
N THR D 123 2.73 -12.90 -31.39
CA THR D 123 2.80 -12.86 -32.83
C THR D 123 3.24 -14.23 -33.35
N LYS D 124 4.19 -14.84 -32.66
CA LYS D 124 4.68 -16.16 -33.07
C LYS D 124 3.60 -17.21 -32.89
N TYR D 125 2.91 -17.15 -31.76
CA TYR D 125 1.85 -18.09 -31.46
C TYR D 125 0.73 -18.01 -32.49
N THR D 126 0.14 -16.84 -32.67
CA THR D 126 -0.95 -16.69 -33.63
C THR D 126 -0.52 -17.20 -35.00
N SER D 127 0.72 -16.93 -35.37
CA SER D 127 1.24 -17.38 -36.66
C SER D 127 1.76 -18.82 -36.55
N ALA D 128 0.84 -19.72 -36.26
CA ALA D 128 1.12 -21.15 -36.12
C ALA D 128 -0.10 -21.79 -35.46
N LYS E 14 48.34 -4.89 26.96
CA LYS E 14 48.50 -3.42 27.15
C LYS E 14 47.75 -2.85 28.37
N PRO E 15 46.46 -3.22 28.54
CA PRO E 15 45.62 -4.09 27.72
C PRO E 15 45.17 -3.36 26.44
N HIS E 16 45.31 -4.01 25.29
CA HIS E 16 44.90 -3.41 24.04
C HIS E 16 43.42 -3.13 24.14
N ARG E 17 43.02 -1.92 23.77
CA ARG E 17 41.63 -1.52 23.85
C ARG E 17 41.25 -0.82 22.56
N TYR E 18 40.00 -0.97 22.13
CA TYR E 18 39.55 -0.31 20.92
C TYR E 18 38.81 0.96 21.31
N ARG E 19 39.15 2.06 20.66
CA ARG E 19 38.50 3.34 20.93
C ARG E 19 36.99 3.15 20.75
N PRO E 20 36.18 3.86 21.55
CA PRO E 20 34.72 3.73 21.43
C PRO E 20 34.16 4.02 20.06
N GLY E 21 33.21 3.20 19.64
CA GLY E 21 32.58 3.38 18.35
C GLY E 21 33.23 2.54 17.27
N THR E 22 34.48 2.17 17.52
CA THR E 22 35.24 1.37 16.58
C THR E 22 34.62 0.00 16.39
N VAL E 23 34.25 -0.63 17.50
CA VAL E 23 33.66 -1.94 17.43
C VAL E 23 32.29 -1.84 16.75
N ALA E 24 31.52 -0.82 17.12
CA ALA E 24 30.20 -0.61 16.52
C ALA E 24 30.31 -0.63 15.00
N LEU E 25 31.30 0.08 14.47
CA LEU E 25 31.51 0.10 13.04
C LEU E 25 31.83 -1.29 12.56
N ARG E 26 32.57 -2.04 13.37
CA ARG E 26 32.92 -3.40 12.99
C ARG E 26 31.68 -4.29 12.99
N GLU E 27 30.79 -4.08 13.95
CA GLU E 27 29.59 -4.89 14.01
C GLU E 27 28.73 -4.56 12.79
N ILE E 28 28.51 -3.27 12.55
CA ILE E 28 27.71 -2.86 11.40
C ILE E 28 28.19 -3.57 10.13
N ARG E 29 29.47 -3.50 9.82
CA ARG E 29 29.97 -4.18 8.62
C ARG E 29 29.65 -5.67 8.72
N ARG E 30 29.90 -6.25 9.90
CA ARG E 30 29.67 -7.70 10.13
C ARG E 30 28.26 -8.26 9.94
N TYR E 31 27.30 -7.66 10.62
CA TYR E 31 25.91 -8.12 10.55
C TYR E 31 25.20 -7.83 9.23
N GLN E 32 25.71 -6.84 8.49
CA GLN E 32 25.12 -6.48 7.21
C GLN E 32 25.48 -7.49 6.14
N LYS E 33 26.63 -8.14 6.34
CA LYS E 33 27.12 -9.14 5.43
C LYS E 33 26.42 -10.49 5.61
N SER E 34 26.09 -10.83 6.85
CA SER E 34 25.43 -12.10 7.14
C SER E 34 23.92 -11.96 7.03
N THR E 35 23.24 -13.08 6.80
CA THR E 35 21.80 -13.09 6.64
C THR E 35 21.04 -13.77 7.77
N GLU E 36 21.77 -14.41 8.69
CA GLU E 36 21.13 -15.10 9.81
C GLU E 36 20.27 -14.16 10.64
N LEU E 37 19.31 -14.74 11.35
CA LEU E 37 18.40 -13.99 12.20
C LEU E 37 19.07 -13.61 13.50
N LEU E 38 19.01 -12.32 13.82
CA LEU E 38 19.62 -11.78 15.03
C LEU E 38 18.94 -12.16 16.33
N ILE E 39 17.60 -12.17 16.35
CA ILE E 39 16.88 -12.53 17.55
C ILE E 39 16.96 -14.03 17.81
N ARG E 40 17.06 -14.41 19.07
CA ARG E 40 17.17 -15.81 19.46
C ARG E 40 15.85 -16.51 19.13
N LYS E 41 15.95 -17.63 18.45
CA LYS E 41 14.77 -18.39 18.04
C LYS E 41 13.78 -18.81 19.12
N LEU E 42 14.25 -19.43 20.19
CA LEU E 42 13.30 -19.88 21.21
C LEU E 42 12.53 -18.77 21.88
N PRO E 43 13.21 -17.71 22.36
CA PRO E 43 12.42 -16.66 23.00
C PRO E 43 11.36 -16.00 22.09
N PHE E 44 11.71 -15.80 20.82
CA PHE E 44 10.75 -15.19 19.89
C PHE E 44 9.53 -16.07 19.85
N GLN E 45 9.75 -17.35 19.63
CA GLN E 45 8.66 -18.29 19.55
C GLN E 45 7.73 -18.20 20.73
N ARG E 46 8.28 -18.04 21.92
CA ARG E 46 7.43 -17.95 23.10
C ARG E 46 6.62 -16.68 23.00
N LEU E 47 7.28 -15.58 22.67
CA LEU E 47 6.59 -14.30 22.52
C LEU E 47 5.44 -14.41 21.52
N VAL E 48 5.73 -15.03 20.37
CA VAL E 48 4.73 -15.20 19.31
C VAL E 48 3.58 -16.08 19.75
N ARG E 49 3.88 -17.09 20.55
CA ARG E 49 2.87 -18.02 21.01
C ARG E 49 2.05 -17.39 22.13
N GLU E 50 2.69 -16.56 22.93
CA GLU E 50 1.99 -15.85 24.00
C GLU E 50 0.98 -14.89 23.35
N ILE E 51 1.46 -13.97 22.53
CA ILE E 51 0.59 -13.01 21.87
C ILE E 51 -0.58 -13.69 21.17
N ALA E 52 -0.28 -14.74 20.42
CA ALA E 52 -1.32 -15.46 19.68
C ALA E 52 -2.28 -16.19 20.61
N GLN E 53 -1.79 -16.64 21.75
CA GLN E 53 -2.66 -17.34 22.68
C GLN E 53 -3.75 -16.41 23.21
N ASP E 54 -3.42 -15.14 23.37
CA ASP E 54 -4.37 -14.16 23.87
C ASP E 54 -5.52 -13.89 22.88
N PHE E 55 -5.24 -13.95 21.59
CA PHE E 55 -6.30 -13.74 20.60
C PHE E 55 -7.20 -14.97 20.51
N LYS E 56 -6.58 -16.14 20.46
CA LYS E 56 -7.32 -17.40 20.37
C LYS E 56 -6.64 -18.40 21.30
N THR E 57 -7.42 -19.10 22.12
CA THR E 57 -6.86 -20.06 23.06
C THR E 57 -6.51 -21.39 22.37
N ASP E 58 -5.48 -22.05 22.88
CA ASP E 58 -5.06 -23.34 22.35
C ASP E 58 -4.77 -23.38 20.85
N LEU E 59 -4.12 -22.37 20.32
CA LEU E 59 -3.78 -22.36 18.89
C LEU E 59 -2.52 -23.22 18.70
N ARG E 60 -2.25 -23.63 17.47
CA ARG E 60 -1.06 -24.41 17.20
C ARG E 60 -0.37 -23.74 16.04
N PHE E 61 0.95 -23.73 16.07
CA PHE E 61 1.71 -23.10 15.00
C PHE E 61 2.62 -24.04 14.25
N GLN E 62 2.66 -23.88 12.93
CA GLN E 62 3.53 -24.70 12.12
C GLN E 62 4.95 -24.17 12.26
N SER E 63 5.91 -25.09 12.35
CA SER E 63 7.30 -24.69 12.49
C SER E 63 7.59 -23.54 11.52
N SER E 64 7.16 -23.71 10.28
CA SER E 64 7.36 -22.71 9.22
C SER E 64 6.60 -21.39 9.45
N ALA E 65 5.47 -21.46 10.16
CA ALA E 65 4.70 -20.26 10.42
C ALA E 65 5.44 -19.34 11.35
N VAL E 66 6.04 -19.90 12.41
CA VAL E 66 6.78 -19.07 13.36
C VAL E 66 7.95 -18.38 12.68
N MET E 67 8.63 -19.11 11.80
CA MET E 67 9.77 -18.54 11.08
C MET E 67 9.30 -17.33 10.29
N ALA E 68 8.29 -17.54 9.45
CA ALA E 68 7.70 -16.49 8.63
C ALA E 68 7.54 -15.23 9.46
N LEU E 69 6.90 -15.38 10.61
CA LEU E 69 6.68 -14.24 11.49
C LEU E 69 7.97 -13.59 11.92
N GLN E 70 8.96 -14.40 12.28
CA GLN E 70 10.24 -13.84 12.72
C GLN E 70 11.02 -13.14 11.62
N GLU E 71 10.87 -13.59 10.39
CA GLU E 71 11.56 -12.98 9.26
C GLU E 71 11.01 -11.61 8.99
N ALA E 72 9.68 -11.50 9.00
CA ALA E 72 9.03 -10.22 8.74
C ALA E 72 9.34 -9.21 9.83
N CYS E 73 9.30 -9.66 11.09
CA CYS E 73 9.60 -8.80 12.24
C CYS E 73 11.01 -8.25 12.14
N GLU E 74 11.98 -9.14 12.11
CA GLU E 74 13.35 -8.69 12.00
C GLU E 74 13.47 -7.73 10.84
N ALA E 75 12.93 -8.10 9.69
CA ALA E 75 12.99 -7.22 8.54
C ALA E 75 12.42 -5.84 8.86
N TYR E 76 11.24 -5.81 9.48
CA TYR E 76 10.58 -4.55 9.84
C TYR E 76 11.49 -3.69 10.70
N LEU E 77 11.97 -4.28 11.81
CA LEU E 77 12.85 -3.57 12.72
C LEU E 77 14.14 -3.08 12.06
N VAL E 78 14.82 -3.95 11.31
CA VAL E 78 16.04 -3.53 10.65
C VAL E 78 15.68 -2.30 9.83
N GLY E 79 14.59 -2.40 9.09
CA GLY E 79 14.15 -1.28 8.26
C GLY E 79 13.82 -0.02 9.05
N LEU E 80 13.14 -0.19 10.17
CA LEU E 80 12.78 0.94 11.02
C LEU E 80 14.08 1.60 11.51
N PHE E 81 15.06 0.80 11.91
CA PHE E 81 16.31 1.36 12.38
C PHE E 81 17.05 2.22 11.36
N GLU E 82 17.08 1.80 10.10
CA GLU E 82 17.76 2.62 9.09
C GLU E 82 17.10 4.01 9.07
N ASP E 83 15.78 4.02 8.88
CA ASP E 83 15.04 5.28 8.85
C ASP E 83 15.33 6.05 10.13
N THR E 84 15.29 5.37 11.26
CA THR E 84 15.56 6.05 12.51
C THR E 84 16.96 6.63 12.49
N ASN E 85 17.91 5.89 11.96
CA ASN E 85 19.29 6.37 11.92
C ASN E 85 19.34 7.68 11.12
N LEU E 86 18.66 7.72 9.98
CA LEU E 86 18.62 8.92 9.13
C LEU E 86 17.98 10.12 9.85
N CYS E 87 17.10 9.83 10.80
CA CYS E 87 16.45 10.87 11.59
C CYS E 87 17.46 11.40 12.59
N ALA E 88 18.28 10.50 13.11
CA ALA E 88 19.31 10.86 14.07
C ALA E 88 20.37 11.69 13.33
N ILE E 89 20.84 11.20 12.19
CA ILE E 89 21.83 11.92 11.43
C ILE E 89 21.29 13.29 11.06
N HIS E 90 20.00 13.33 10.76
CA HIS E 90 19.36 14.57 10.38
C HIS E 90 19.26 15.57 11.52
N ALA E 91 19.14 15.07 12.74
CA ALA E 91 19.04 15.94 13.91
C ALA E 91 20.43 16.28 14.43
N LYS E 92 21.44 15.97 13.62
CA LYS E 92 22.83 16.25 13.95
C LYS E 92 23.41 15.32 14.97
N ARG E 93 22.66 14.32 15.40
CA ARG E 93 23.18 13.40 16.39
C ARG E 93 23.51 12.07 15.77
N VAL E 94 24.46 11.36 16.35
CA VAL E 94 24.81 10.06 15.81
C VAL E 94 24.08 8.97 16.61
N THR E 95 23.53 9.36 17.75
CA THR E 95 22.81 8.44 18.62
C THR E 95 21.32 8.34 18.30
N ILE E 96 20.83 7.15 17.95
CA ILE E 96 19.39 7.03 17.69
C ILE E 96 18.68 7.22 19.02
N MET E 97 17.46 7.73 18.97
CA MET E 97 16.68 7.94 20.18
C MET E 97 15.20 7.67 19.98
N PRO E 98 14.47 7.40 21.07
CA PRO E 98 13.05 7.14 20.88
C PRO E 98 12.40 8.29 20.14
N LYS E 99 12.98 9.47 20.29
CA LYS E 99 12.46 10.66 19.66
C LYS E 99 12.51 10.47 18.15
N ASP E 100 13.56 9.78 17.70
CA ASP E 100 13.77 9.49 16.29
C ASP E 100 12.76 8.42 15.84
N ILE E 101 12.80 7.25 16.48
CA ILE E 101 11.90 6.16 16.11
C ILE E 101 10.48 6.70 15.98
N GLN E 102 10.00 7.35 17.03
CA GLN E 102 8.66 7.92 17.03
C GLN E 102 8.38 8.80 15.80
N LEU E 103 9.35 9.63 15.42
CA LEU E 103 9.17 10.49 14.25
C LEU E 103 9.07 9.63 13.01
N ALA E 104 10.08 8.78 12.82
CA ALA E 104 10.16 7.90 11.67
C ALA E 104 8.84 7.19 11.42
N ARG E 105 8.24 6.63 12.45
CA ARG E 105 6.98 5.94 12.26
C ARG E 105 5.90 6.97 11.93
N ARG E 106 5.98 8.15 12.53
CA ARG E 106 4.99 9.19 12.24
C ARG E 106 4.97 9.49 10.75
N ILE E 107 6.14 9.74 10.18
CA ILE E 107 6.26 10.04 8.75
C ILE E 107 5.79 8.85 7.93
N ARG E 108 6.14 7.64 8.38
CA ARG E 108 5.75 6.40 7.72
C ARG E 108 4.23 6.30 7.71
N GLY E 109 3.61 7.01 8.65
CA GLY E 109 2.17 7.01 8.75
C GLY E 109 1.60 5.94 9.65
N GLU E 110 2.45 5.09 10.18
CA GLU E 110 1.97 4.02 11.06
C GLU E 110 1.08 4.57 12.17
N ARG E 111 1.44 5.72 12.72
CA ARG E 111 0.63 6.32 13.76
C ARG E 111 0.88 7.82 13.94
N ALA E 112 0.32 8.61 13.02
CA ALA E 112 0.47 10.07 13.08
C ALA E 112 -0.34 10.58 14.26
N ARG F 23 0.71 -27.34 30.21
CA ARG F 23 2.09 -26.86 29.93
C ARG F 23 2.54 -25.91 31.01
N LYS F 24 3.19 -24.82 30.62
CA LYS F 24 3.68 -23.81 31.55
C LYS F 24 3.00 -22.52 31.15
N VAL F 25 2.66 -21.66 32.11
CA VAL F 25 2.01 -20.39 31.80
C VAL F 25 3.03 -19.47 31.18
N LEU F 26 2.62 -18.73 30.16
CA LEU F 26 3.53 -17.79 29.50
C LEU F 26 3.21 -16.36 29.90
N ARG F 27 4.25 -15.59 30.23
CA ARG F 27 4.03 -14.20 30.60
C ARG F 27 5.29 -13.37 30.55
N ASP F 28 5.12 -12.10 30.17
CA ASP F 28 6.22 -11.15 30.08
C ASP F 28 7.34 -11.76 29.24
N ASN F 29 6.96 -12.35 28.10
CA ASN F 29 7.95 -12.96 27.23
C ASN F 29 8.49 -11.93 26.27
N ILE F 30 7.90 -10.75 26.31
CA ILE F 30 8.39 -9.69 25.44
C ILE F 30 9.79 -9.30 25.85
N GLN F 31 10.21 -9.65 27.06
CA GLN F 31 11.57 -9.32 27.50
C GLN F 31 12.52 -10.38 26.95
N GLY F 32 11.98 -11.31 26.17
CA GLY F 32 12.80 -12.34 25.58
C GLY F 32 13.68 -11.65 24.55
N ILE F 33 13.13 -10.63 23.92
CA ILE F 33 13.84 -9.85 22.94
C ILE F 33 14.90 -9.05 23.68
N THR F 34 16.03 -9.69 23.95
CA THR F 34 17.14 -9.09 24.67
C THR F 34 17.65 -7.77 24.15
N LYS F 35 18.57 -7.16 24.90
CA LYS F 35 19.17 -5.89 24.49
C LYS F 35 20.23 -6.12 23.42
N PRO F 36 21.05 -7.17 23.56
CA PRO F 36 22.08 -7.41 22.53
C PRO F 36 21.44 -7.63 21.17
N ALA F 37 20.38 -8.42 21.16
CA ALA F 37 19.67 -8.72 19.95
C ALA F 37 19.07 -7.47 19.32
N ILE F 38 18.51 -6.59 20.14
CA ILE F 38 17.95 -5.36 19.61
C ILE F 38 19.12 -4.57 19.10
N ARG F 39 20.23 -4.66 19.82
CA ARG F 39 21.44 -3.97 19.42
C ARG F 39 21.77 -4.47 18.01
N ARG F 40 22.03 -5.77 17.90
CA ARG F 40 22.37 -6.40 16.62
C ARG F 40 21.46 -5.97 15.48
N LEU F 41 20.14 -5.95 15.71
CA LEU F 41 19.20 -5.54 14.68
C LEU F 41 19.48 -4.10 14.24
N ALA F 42 19.87 -3.26 15.19
CA ALA F 42 20.18 -1.86 14.90
C ALA F 42 21.46 -1.77 14.08
N ARG F 43 22.46 -2.57 14.45
CA ARG F 43 23.73 -2.56 13.73
C ARG F 43 23.44 -2.87 12.27
N ARG F 44 22.74 -3.96 12.01
CA ARG F 44 22.43 -4.30 10.63
C ARG F 44 21.69 -3.15 9.98
N GLY F 45 21.05 -2.33 10.81
CA GLY F 45 20.32 -1.18 10.28
C GLY F 45 21.26 -0.03 9.96
N GLY F 46 22.51 -0.17 10.38
CA GLY F 46 23.50 0.86 10.15
C GLY F 46 23.69 1.85 11.28
N VAL F 47 23.03 1.63 12.42
CA VAL F 47 23.15 2.54 13.56
C VAL F 47 24.40 2.32 14.38
N LYS F 48 25.19 3.37 14.55
CA LYS F 48 26.44 3.27 15.32
C LYS F 48 26.29 3.59 16.81
N ARG F 49 25.39 4.51 17.13
CA ARG F 49 25.21 4.87 18.53
C ARG F 49 23.75 4.69 18.96
N ILE F 50 23.54 4.03 20.09
CA ILE F 50 22.18 3.78 20.56
C ILE F 50 21.91 4.30 21.97
N SER F 51 20.86 5.13 22.11
CA SER F 51 20.47 5.68 23.39
C SER F 51 19.93 4.52 24.23
N GLY F 52 19.97 4.66 25.55
CA GLY F 52 19.49 3.58 26.41
C GLY F 52 17.99 3.33 26.38
N LEU F 53 17.23 4.39 26.15
CA LEU F 53 15.78 4.30 26.10
C LEU F 53 15.30 3.49 24.90
N ILE F 54 16.16 3.37 23.88
CA ILE F 54 15.83 2.64 22.67
C ILE F 54 15.31 1.22 22.90
N TYR F 55 16.06 0.41 23.62
CA TYR F 55 15.66 -0.97 23.89
C TYR F 55 14.18 -1.14 24.23
N GLU F 56 13.72 -0.46 25.27
CA GLU F 56 12.33 -0.60 25.68
C GLU F 56 11.37 -0.08 24.61
N GLU F 57 11.76 1.00 23.95
CA GLU F 57 10.93 1.57 22.90
C GLU F 57 10.80 0.56 21.76
N THR F 58 11.94 0.03 21.32
CA THR F 58 11.94 -0.95 20.24
C THR F 58 10.93 -2.04 20.54
N ARG F 59 11.09 -2.67 21.72
CA ARG F 59 10.19 -3.75 22.15
C ARG F 59 8.74 -3.36 21.94
N GLY F 60 8.42 -2.13 22.33
CA GLY F 60 7.06 -1.65 22.17
C GLY F 60 6.60 -1.79 20.74
N VAL F 61 7.38 -1.24 19.81
CA VAL F 61 7.05 -1.30 18.40
C VAL F 61 6.96 -2.74 17.93
N LEU F 62 7.92 -3.57 18.32
CA LEU F 62 7.93 -4.97 17.91
C LEU F 62 6.65 -5.69 18.36
N LYS F 63 6.27 -5.46 19.61
CA LYS F 63 5.07 -6.08 20.17
C LYS F 63 3.83 -5.69 19.37
N VAL F 64 3.78 -4.44 18.93
CA VAL F 64 2.63 -3.97 18.17
C VAL F 64 2.63 -4.65 16.80
N PHE F 65 3.79 -4.70 16.16
CA PHE F 65 3.89 -5.34 14.85
C PHE F 65 3.32 -6.73 14.91
N LEU F 66 3.85 -7.53 15.82
CA LEU F 66 3.38 -8.90 15.98
C LEU F 66 1.87 -9.02 16.20
N GLU F 67 1.34 -8.26 17.14
CA GLU F 67 -0.08 -8.29 17.40
C GLU F 67 -0.87 -8.13 16.11
N ASN F 68 -0.67 -6.99 15.45
CA ASN F 68 -1.38 -6.70 14.21
C ASN F 68 -1.27 -7.82 13.18
N VAL F 69 -0.06 -8.33 12.95
CA VAL F 69 0.13 -9.40 11.98
C VAL F 69 -0.41 -10.74 12.46
N ILE F 70 -0.30 -11.03 13.75
CA ILE F 70 -0.82 -12.30 14.24
C ILE F 70 -2.33 -12.25 14.27
N ARG F 71 -2.90 -11.11 14.60
CA ARG F 71 -4.36 -11.01 14.63
C ARG F 71 -4.98 -11.42 13.30
N ASP F 72 -4.53 -10.77 12.22
CA ASP F 72 -5.02 -11.09 10.90
C ASP F 72 -4.75 -12.56 10.64
N ALA F 73 -3.49 -12.97 10.81
CA ALA F 73 -3.04 -14.34 10.60
C ALA F 73 -4.04 -15.32 11.18
N VAL F 74 -4.26 -15.20 12.48
CA VAL F 74 -5.20 -16.07 13.17
C VAL F 74 -6.61 -15.91 12.61
N THR F 75 -6.99 -14.70 12.17
CA THR F 75 -8.33 -14.52 11.61
C THR F 75 -8.47 -15.38 10.37
N TYR F 76 -7.40 -15.47 9.58
CA TYR F 76 -7.44 -16.30 8.39
C TYR F 76 -7.57 -17.75 8.85
N THR F 77 -6.94 -18.07 9.98
CA THR F 77 -7.03 -19.42 10.51
C THR F 77 -8.45 -19.71 10.99
N GLU F 78 -9.07 -18.75 11.66
CA GLU F 78 -10.43 -18.92 12.15
C GLU F 78 -11.46 -19.10 11.03
N HIS F 79 -11.20 -18.48 9.89
CA HIS F 79 -12.13 -18.62 8.80
C HIS F 79 -12.08 -20.05 8.28
N ALA F 80 -10.88 -20.63 8.29
CA ALA F 80 -10.64 -21.99 7.82
C ALA F 80 -11.11 -23.05 8.83
N LYS F 81 -11.29 -22.61 10.07
CA LYS F 81 -11.73 -23.47 11.16
C LYS F 81 -10.62 -24.36 11.68
N ARG F 82 -9.43 -24.19 11.11
CA ARG F 82 -8.29 -24.97 11.53
C ARG F 82 -7.77 -24.44 12.86
N LYS F 83 -7.30 -25.36 13.70
CA LYS F 83 -6.75 -25.02 15.01
C LYS F 83 -5.28 -24.70 14.87
N THR F 84 -4.77 -24.84 13.67
CA THR F 84 -3.37 -24.59 13.42
C THR F 84 -3.20 -23.41 12.48
N VAL F 85 -2.22 -22.57 12.78
CA VAL F 85 -1.93 -21.43 11.93
C VAL F 85 -0.82 -21.88 10.96
N THR F 86 -1.15 -22.04 9.68
CA THR F 86 -0.15 -22.47 8.69
C THR F 86 0.72 -21.28 8.30
N ALA F 87 1.78 -21.54 7.54
CA ALA F 87 2.66 -20.47 7.12
C ALA F 87 1.88 -19.47 6.28
N MET F 88 1.02 -19.99 5.43
CA MET F 88 0.20 -19.15 4.56
C MET F 88 -0.54 -18.10 5.30
N ASP F 89 -1.21 -18.52 6.36
CA ASP F 89 -1.98 -17.63 7.21
C ASP F 89 -1.10 -16.41 7.49
N VAL F 90 0.11 -16.69 7.92
CA VAL F 90 1.07 -15.63 8.24
C VAL F 90 1.34 -14.79 6.99
N VAL F 91 1.53 -15.46 5.86
CA VAL F 91 1.82 -14.77 4.60
C VAL F 91 0.69 -13.90 4.09
N TYR F 92 -0.52 -14.46 4.07
CA TYR F 92 -1.65 -13.69 3.61
C TYR F 92 -1.74 -12.49 4.53
N ALA F 93 -1.53 -12.73 5.82
CA ALA F 93 -1.57 -11.69 6.83
C ALA F 93 -0.63 -10.56 6.48
N LEU F 94 0.63 -10.90 6.31
CA LEU F 94 1.66 -9.93 5.97
C LEU F 94 1.30 -9.13 4.71
N LYS F 95 0.73 -9.81 3.71
CA LYS F 95 0.35 -9.14 2.48
C LYS F 95 -0.66 -8.03 2.77
N ARG F 96 -1.67 -8.32 3.57
CA ARG F 96 -2.67 -7.30 3.89
C ARG F 96 -1.96 -6.11 4.49
N GLN F 97 -1.03 -6.38 5.39
CA GLN F 97 -0.26 -5.34 6.06
C GLN F 97 0.68 -4.57 5.12
N GLY F 98 0.72 -4.96 3.86
CA GLY F 98 1.59 -4.27 2.92
C GLY F 98 3.04 -4.61 3.15
N ARG F 99 3.26 -5.68 3.91
CA ARG F 99 4.59 -6.18 4.22
C ARG F 99 4.67 -7.56 3.58
N THR F 100 4.69 -7.62 2.25
CA THR F 100 4.73 -8.89 1.51
C THR F 100 5.96 -9.74 1.81
N LEU F 101 5.76 -11.06 1.95
CA LEU F 101 6.89 -11.93 2.23
C LEU F 101 7.10 -13.01 1.17
N TYR F 102 8.34 -13.14 0.71
CA TYR F 102 8.71 -14.15 -0.29
C TYR F 102 9.45 -15.31 0.37
N GLY F 103 9.13 -16.54 -0.02
CA GLY F 103 9.84 -17.69 0.52
C GLY F 103 9.16 -18.70 1.41
N PHE F 104 7.89 -18.46 1.75
CA PHE F 104 7.18 -19.40 2.62
C PHE F 104 5.95 -20.09 2.10
N GLY F 105 5.13 -19.41 1.32
CA GLY F 105 3.93 -20.09 0.89
C GLY F 105 3.30 -19.79 -0.45
N GLY F 106 4.04 -19.13 -1.34
CA GLY F 106 3.46 -18.83 -2.62
C GLY F 106 4.59 -18.31 -3.50
N LYS G 19 -42.31 -5.80 -0.81
CA LYS G 19 -41.72 -7.16 -0.87
C LYS G 19 -40.22 -7.10 -1.19
N THR G 20 -39.72 -5.88 -1.45
CA THR G 20 -38.31 -5.69 -1.77
C THR G 20 -37.47 -6.49 -0.80
N ARG G 21 -36.49 -7.22 -1.30
CA ARG G 21 -35.65 -8.02 -0.43
C ARG G 21 -35.04 -7.14 0.66
N SER G 22 -34.82 -5.86 0.34
CA SER G 22 -34.23 -4.94 1.31
C SER G 22 -35.12 -4.67 2.51
N SER G 23 -36.44 -4.62 2.31
CA SER G 23 -37.36 -4.38 3.42
C SER G 23 -37.33 -5.59 4.34
N ARG G 24 -37.22 -6.76 3.73
CA ARG G 24 -37.17 -8.03 4.46
C ARG G 24 -36.03 -7.97 5.46
N ALA G 25 -34.91 -7.42 5.01
CA ALA G 25 -33.74 -7.27 5.87
C ALA G 25 -33.87 -5.95 6.61
N GLY G 26 -34.86 -5.15 6.19
CA GLY G 26 -35.11 -3.86 6.82
C GLY G 26 -34.03 -2.82 6.60
N LEU G 27 -33.48 -2.79 5.40
CA LEU G 27 -32.40 -1.86 5.08
C LEU G 27 -32.78 -0.87 4.01
N GLN G 28 -32.22 0.33 4.13
CA GLN G 28 -32.47 1.38 3.15
C GLN G 28 -31.67 1.11 1.87
N PHE G 29 -30.43 0.62 2.01
CA PHE G 29 -29.59 0.34 0.85
C PHE G 29 -30.16 -0.77 -0.06
N PRO G 30 -29.84 -0.71 -1.37
CA PRO G 30 -30.35 -1.72 -2.31
C PRO G 30 -29.61 -3.03 -2.21
N VAL G 31 -30.28 -4.04 -1.68
CA VAL G 31 -29.67 -5.36 -1.56
C VAL G 31 -29.55 -5.92 -2.97
N GLY G 32 -30.61 -5.75 -3.75
CA GLY G 32 -30.60 -6.24 -5.11
C GLY G 32 -29.40 -5.68 -5.85
N ARG G 33 -29.21 -4.36 -5.74
CA ARG G 33 -28.11 -3.68 -6.38
C ARG G 33 -26.78 -4.33 -6.02
N VAL G 34 -26.57 -4.51 -4.72
CA VAL G 34 -25.35 -5.13 -4.24
C VAL G 34 -25.19 -6.54 -4.81
N HIS G 35 -26.26 -7.34 -4.76
CA HIS G 35 -26.22 -8.70 -5.28
C HIS G 35 -25.91 -8.74 -6.79
N ARG G 36 -26.48 -7.78 -7.52
CA ARG G 36 -26.25 -7.70 -8.96
C ARG G 36 -24.83 -7.21 -9.17
N LEU G 37 -24.36 -6.36 -8.27
CA LEU G 37 -23.02 -5.83 -8.35
C LEU G 37 -22.00 -6.91 -8.04
N LEU G 38 -22.33 -7.80 -7.11
CA LEU G 38 -21.44 -8.89 -6.72
C LEU G 38 -21.25 -9.89 -7.85
N ARG G 39 -22.33 -10.14 -8.58
CA ARG G 39 -22.29 -11.08 -9.69
C ARG G 39 -21.42 -10.54 -10.84
N LYS G 40 -21.66 -9.29 -11.23
CA LYS G 40 -20.91 -8.64 -12.30
C LYS G 40 -19.49 -8.25 -11.90
N GLY G 41 -19.15 -8.44 -10.63
CA GLY G 41 -17.84 -8.06 -10.15
C GLY G 41 -16.67 -9.00 -10.41
N ASN G 42 -16.97 -10.27 -10.57
CA ASN G 42 -15.92 -11.27 -10.82
C ASN G 42 -15.22 -11.60 -9.51
N TYR G 43 -15.83 -11.21 -8.39
CA TYR G 43 -15.26 -11.47 -7.07
C TYR G 43 -15.28 -12.95 -6.77
N SER G 44 -16.26 -13.66 -7.32
CA SER G 44 -16.38 -15.09 -7.07
C SER G 44 -17.27 -15.83 -8.04
N GLU G 45 -17.18 -17.16 -7.98
CA GLU G 45 -17.96 -18.07 -8.83
C GLU G 45 -19.47 -17.97 -8.53
N ARG G 46 -19.83 -18.04 -7.25
CA ARG G 46 -21.22 -17.96 -6.84
C ARG G 46 -21.37 -17.05 -5.62
N VAL G 47 -22.45 -16.27 -5.58
CA VAL G 47 -22.72 -15.34 -4.49
C VAL G 47 -23.84 -15.83 -3.57
N GLY G 48 -23.51 -16.05 -2.31
CA GLY G 48 -24.51 -16.50 -1.36
C GLY G 48 -25.62 -15.48 -1.17
N ALA G 49 -26.81 -15.94 -0.80
CA ALA G 49 -27.95 -15.05 -0.61
C ALA G 49 -27.74 -14.12 0.57
N GLY G 50 -27.06 -14.63 1.59
CA GLY G 50 -26.84 -13.81 2.77
C GLY G 50 -25.79 -12.74 2.60
N ALA G 51 -24.88 -12.93 1.64
CA ALA G 51 -23.82 -11.95 1.42
C ALA G 51 -24.34 -10.56 1.09
N PRO G 52 -25.17 -10.42 0.05
CA PRO G 52 -25.76 -9.16 -0.42
C PRO G 52 -26.35 -8.34 0.70
N VAL G 53 -27.22 -8.96 1.48
CA VAL G 53 -27.81 -8.22 2.58
C VAL G 53 -26.70 -7.85 3.55
N TYR G 54 -25.86 -8.80 3.93
CA TYR G 54 -24.78 -8.48 4.86
C TYR G 54 -23.94 -7.28 4.40
N LEU G 55 -23.35 -7.34 3.21
CA LEU G 55 -22.53 -6.24 2.67
C LEU G 55 -23.36 -4.96 2.66
N ALA G 56 -24.48 -5.01 1.94
CA ALA G 56 -25.42 -3.90 1.81
C ALA G 56 -25.68 -3.30 3.17
N ALA G 57 -25.91 -4.19 4.13
CA ALA G 57 -26.19 -3.81 5.52
C ALA G 57 -25.01 -3.02 6.07
N VAL G 58 -23.84 -3.64 6.00
CA VAL G 58 -22.61 -3.06 6.48
C VAL G 58 -22.35 -1.73 5.81
N LEU G 59 -22.64 -1.62 4.52
CA LEU G 59 -22.42 -0.34 3.86
C LEU G 59 -23.39 0.70 4.41
N GLU G 60 -24.59 0.28 4.78
CA GLU G 60 -25.54 1.23 5.32
C GLU G 60 -25.01 1.86 6.60
N TYR G 61 -24.75 1.02 7.59
CA TYR G 61 -24.22 1.49 8.87
C TYR G 61 -23.08 2.49 8.72
N LEU G 62 -22.03 2.12 7.98
CA LEU G 62 -20.91 3.01 7.78
C LEU G 62 -21.40 4.40 7.33
N THR G 63 -22.22 4.45 6.29
CA THR G 63 -22.75 5.73 5.81
C THR G 63 -23.41 6.44 6.99
N ALA G 64 -24.28 5.71 7.69
CA ALA G 64 -24.97 6.25 8.86
C ALA G 64 -23.97 6.91 9.78
N GLU G 65 -22.97 6.14 10.19
CA GLU G 65 -21.92 6.63 11.06
C GLU G 65 -21.37 8.00 10.61
N ILE G 66 -20.89 8.11 9.37
CA ILE G 66 -20.32 9.37 8.87
C ILE G 66 -21.29 10.52 8.68
N LEU G 67 -22.53 10.20 8.32
CA LEU G 67 -23.52 11.23 8.14
C LEU G 67 -23.81 11.86 9.50
N GLU G 68 -24.01 11.00 10.50
CA GLU G 68 -24.28 11.49 11.83
C GLU G 68 -23.23 12.49 12.30
N LEU G 69 -21.95 12.13 12.19
CA LEU G 69 -20.87 13.03 12.63
C LEU G 69 -20.75 14.29 11.83
N ALA G 70 -21.02 14.19 10.52
CA ALA G 70 -20.97 15.37 9.67
C ALA G 70 -22.09 16.26 10.16
N GLY G 71 -23.28 15.68 10.34
CA GLY G 71 -24.40 16.45 10.82
C GLY G 71 -23.87 17.35 11.92
N ASN G 72 -23.31 16.73 12.95
CA ASN G 72 -22.76 17.45 14.07
C ASN G 72 -21.85 18.55 13.55
N ALA G 73 -20.90 18.18 12.70
CA ALA G 73 -19.99 19.17 12.14
C ALA G 73 -20.85 20.31 11.58
N ALA G 74 -21.78 19.95 10.71
CA ALA G 74 -22.68 20.89 10.06
C ALA G 74 -23.45 21.71 11.08
N ARG G 75 -24.03 21.01 12.03
CA ARG G 75 -24.81 21.61 13.09
C ARG G 75 -23.88 22.50 13.91
N ASP G 76 -22.68 22.01 14.17
CA ASP G 76 -21.67 22.73 14.94
C ASP G 76 -21.22 23.99 14.23
N ASN G 77 -21.14 23.91 12.91
CA ASN G 77 -20.71 25.04 12.09
C ASN G 77 -21.85 26.05 11.94
N LYS G 78 -23.07 25.57 12.19
CA LYS G 78 -24.29 26.38 12.10
C LYS G 78 -24.98 26.25 10.75
N LYS G 79 -24.53 25.27 9.96
CA LYS G 79 -25.12 25.06 8.67
C LYS G 79 -26.06 23.87 8.72
N THR G 80 -27.16 23.95 7.98
CA THR G 80 -28.14 22.86 7.93
C THR G 80 -27.85 21.94 6.74
N ARG G 81 -26.87 22.33 5.94
CA ARG G 81 -26.46 21.54 4.77
C ARG G 81 -24.98 21.16 4.88
N ILE G 82 -24.73 19.86 4.78
CA ILE G 82 -23.39 19.27 4.87
C ILE G 82 -22.54 19.54 3.62
N ILE G 83 -21.28 19.94 3.82
CA ILE G 83 -20.37 20.13 2.69
C ILE G 83 -19.18 19.24 3.03
N PRO G 84 -18.27 19.03 2.08
CA PRO G 84 -17.06 18.21 2.23
C PRO G 84 -16.25 18.52 3.50
N ARG G 85 -16.10 19.80 3.81
CA ARG G 85 -15.37 20.23 5.00
C ARG G 85 -15.97 19.53 6.22
N HIS G 86 -17.28 19.58 6.39
CA HIS G 86 -17.93 18.92 7.52
C HIS G 86 -17.52 17.46 7.55
N LEU G 87 -17.61 16.81 6.40
CA LEU G 87 -17.21 15.41 6.30
C LEU G 87 -15.76 15.25 6.74
N GLN G 88 -14.82 15.98 6.13
CA GLN G 88 -13.40 15.85 6.52
C GLN G 88 -13.16 16.08 8.01
N LEU G 89 -13.84 17.07 8.57
CA LEU G 89 -13.70 17.38 9.99
C LEU G 89 -14.12 16.15 10.79
N ALA G 90 -15.26 15.60 10.40
CA ALA G 90 -15.85 14.43 11.05
C ALA G 90 -14.96 13.21 10.94
N ILE G 91 -14.47 12.95 9.73
CA ILE G 91 -13.62 11.80 9.51
C ILE G 91 -12.32 11.87 10.30
N ARG G 92 -11.62 13.00 10.16
CA ARG G 92 -10.34 13.19 10.83
C ARG G 92 -10.33 13.32 12.35
N ASN G 93 -11.41 13.84 12.92
CA ASN G 93 -11.46 13.99 14.37
C ASN G 93 -11.62 12.63 15.03
N ASP G 94 -12.34 11.75 14.36
CA ASP G 94 -12.55 10.41 14.87
C ASP G 94 -11.33 9.56 14.54
N GLU G 95 -10.76 8.94 15.56
CA GLU G 95 -9.58 8.10 15.43
C GLU G 95 -9.79 6.89 14.54
N GLU G 96 -10.86 6.15 14.79
CA GLU G 96 -11.18 4.94 14.01
C GLU G 96 -11.55 5.20 12.55
N LEU G 97 -12.33 6.24 12.30
CA LEU G 97 -12.73 6.57 10.92
C LEU G 97 -11.52 7.06 10.14
N ASN G 98 -10.61 7.70 10.86
CA ASN G 98 -9.39 8.18 10.25
C ASN G 98 -8.64 6.95 9.77
N LYS G 99 -8.44 5.99 10.67
CA LYS G 99 -7.73 4.78 10.35
C LYS G 99 -8.28 4.15 9.07
N LEU G 100 -9.59 3.95 9.03
CA LEU G 100 -10.23 3.34 7.86
C LEU G 100 -10.03 4.13 6.58
N LEU G 101 -10.05 5.45 6.65
CA LEU G 101 -9.87 6.24 5.44
C LEU G 101 -8.56 7.03 5.44
N GLY G 102 -7.54 6.47 6.08
CA GLY G 102 -6.24 7.13 6.14
C GLY G 102 -5.59 7.42 4.80
N ARG G 103 -5.61 6.44 3.89
CA ARG G 103 -5.03 6.59 2.55
C ARG G 103 -5.89 7.39 1.59
N VAL G 104 -7.17 7.52 1.90
CA VAL G 104 -8.10 8.27 1.08
C VAL G 104 -8.02 9.76 1.38
N THR G 105 -8.29 10.57 0.37
CA THR G 105 -8.28 12.02 0.52
C THR G 105 -9.63 12.59 0.00
N ILE G 106 -10.30 13.37 0.84
CA ILE G 106 -11.59 13.99 0.49
C ILE G 106 -11.38 15.30 -0.28
N ALA G 107 -12.03 15.47 -1.43
CA ALA G 107 -11.87 16.72 -2.18
C ALA G 107 -12.49 17.86 -1.38
N GLN G 108 -11.84 19.01 -1.37
CA GLN G 108 -12.37 20.15 -0.62
C GLN G 108 -12.39 19.87 0.89
N GLY G 109 -11.60 18.90 1.31
CA GLY G 109 -11.57 18.54 2.72
C GLY G 109 -10.79 19.46 3.62
N GLY G 110 -9.77 20.12 3.08
CA GLY G 110 -8.96 21.00 3.89
C GLY G 110 -8.30 20.12 4.93
N VAL G 111 -7.60 20.72 5.89
CA VAL G 111 -6.97 19.92 6.91
C VAL G 111 -7.52 20.36 8.26
N LEU G 112 -7.41 19.52 9.27
CA LEU G 112 -7.88 19.93 10.57
C LEU G 112 -6.95 21.05 10.99
N PRO G 113 -7.45 22.02 11.74
CA PRO G 113 -6.58 23.13 12.17
C PRO G 113 -5.59 22.79 13.28
N ASN G 114 -4.34 22.53 12.91
CA ASN G 114 -3.32 22.22 13.92
C ASN G 114 -2.04 23.00 13.67
N ILE G 115 -1.54 23.62 14.74
CA ILE G 115 -0.32 24.43 14.71
C ILE G 115 0.63 23.89 15.77
N GLN G 116 1.86 23.64 15.39
CA GLN G 116 2.85 23.12 16.33
C GLN G 116 3.01 24.01 17.55
N ALA G 117 3.28 23.38 18.70
CA ALA G 117 3.43 24.15 19.92
C ALA G 117 4.56 25.17 19.80
N VAL G 118 5.72 24.71 19.34
CA VAL G 118 6.90 25.56 19.19
C VAL G 118 6.73 26.77 18.30
N LEU G 119 5.89 26.63 17.28
CA LEU G 119 5.67 27.73 16.35
C LEU G 119 4.96 28.90 17.05
N LEU G 120 4.16 28.58 18.07
CA LEU G 120 3.45 29.62 18.81
C LEU G 120 4.43 30.51 19.57
N PRO G 121 4.10 31.80 19.72
CA PRO G 121 4.94 32.76 20.43
C PRO G 121 5.26 32.35 21.87
N LYS G 122 6.52 32.47 22.26
CA LYS G 122 6.92 32.13 23.63
C LYS G 122 7.29 33.39 24.40
N ARG H 37 -29.72 5.87 -17.82
CA ARG H 37 -28.63 5.09 -17.14
C ARG H 37 -27.79 6.00 -16.25
N LYS H 38 -26.72 5.45 -15.65
CA LYS H 38 -25.83 6.19 -14.74
C LYS H 38 -26.40 6.15 -13.32
N GLU H 39 -26.28 5.00 -12.65
CA GLU H 39 -26.80 4.81 -11.30
C GLU H 39 -25.84 5.18 -10.17
N SER H 40 -26.39 5.81 -9.12
CA SER H 40 -25.58 6.19 -7.97
C SER H 40 -26.30 5.83 -6.67
N TYR H 41 -25.55 5.82 -5.57
CA TYR H 41 -26.10 5.50 -4.26
C TYR H 41 -26.69 6.77 -3.63
N SER H 42 -26.57 7.88 -4.35
CA SER H 42 -27.05 9.18 -3.88
C SER H 42 -28.43 9.13 -3.24
N ILE H 43 -29.37 8.51 -3.93
CA ILE H 43 -30.72 8.40 -3.42
C ILE H 43 -30.72 7.73 -2.02
N TYR H 44 -30.12 6.55 -1.91
CA TYR H 44 -30.04 5.81 -0.64
C TYR H 44 -29.34 6.51 0.51
N VAL H 45 -28.24 7.20 0.23
CA VAL H 45 -27.52 7.90 1.30
C VAL H 45 -28.43 8.94 1.96
N TYR H 46 -29.19 9.65 1.14
CA TYR H 46 -30.11 10.68 1.60
C TYR H 46 -31.07 10.13 2.67
N LYS H 47 -31.73 8.99 2.38
CA LYS H 47 -32.66 8.36 3.32
C LYS H 47 -32.02 8.11 4.68
N VAL H 48 -30.83 7.54 4.64
CA VAL H 48 -30.05 7.24 5.82
C VAL H 48 -29.75 8.56 6.52
N LEU H 49 -29.39 9.58 5.74
CA LEU H 49 -29.10 10.90 6.30
C LEU H 49 -30.29 11.43 7.05
N LYS H 50 -31.47 11.24 6.48
CA LYS H 50 -32.68 11.74 7.10
C LYS H 50 -33.02 11.11 8.45
N GLN H 51 -32.73 9.83 8.62
CA GLN H 51 -33.02 9.16 9.88
C GLN H 51 -32.20 9.76 11.01
N VAL H 52 -30.90 9.84 10.79
CA VAL H 52 -30.00 10.38 11.79
C VAL H 52 -30.18 11.88 11.98
N HIS H 53 -30.32 12.61 10.88
CA HIS H 53 -30.49 14.05 10.93
C HIS H 53 -31.58 14.58 10.00
N PRO H 54 -32.84 14.44 10.40
CA PRO H 54 -33.96 14.91 9.60
C PRO H 54 -33.76 16.36 9.19
N ASP H 55 -33.33 17.17 10.15
CA ASP H 55 -33.09 18.59 9.94
C ASP H 55 -32.01 18.96 8.92
N THR H 56 -30.96 18.16 8.85
CA THR H 56 -29.84 18.43 7.95
C THR H 56 -30.03 17.92 6.51
N GLY H 57 -29.29 18.53 5.58
CA GLY H 57 -29.31 18.18 4.18
C GLY H 57 -27.87 18.12 3.71
N ILE H 58 -27.62 17.50 2.56
CA ILE H 58 -26.25 17.35 2.06
C ILE H 58 -26.02 18.00 0.70
N SER H 59 -24.86 18.66 0.52
CA SER H 59 -24.59 19.31 -0.77
C SER H 59 -24.35 18.27 -1.86
N SER H 60 -24.31 18.72 -3.11
CA SER H 60 -24.10 17.84 -4.26
C SER H 60 -22.74 17.19 -4.14
N LYS H 61 -21.73 18.04 -3.96
CA LYS H 61 -20.36 17.56 -3.83
C LYS H 61 -20.21 16.57 -2.68
N ALA H 62 -20.68 16.93 -1.50
CA ALA H 62 -20.58 16.02 -0.36
C ALA H 62 -21.24 14.70 -0.70
N MET H 63 -22.34 14.76 -1.46
CA MET H 63 -23.02 13.53 -1.84
C MET H 63 -22.02 12.67 -2.59
N GLY H 64 -21.37 13.27 -3.57
CA GLY H 64 -20.38 12.55 -4.37
C GLY H 64 -19.34 11.89 -3.48
N ILE H 65 -18.87 12.64 -2.49
CA ILE H 65 -17.88 12.12 -1.54
C ILE H 65 -18.46 10.87 -0.87
N MET H 66 -19.72 10.96 -0.45
CA MET H 66 -20.39 9.83 0.18
C MET H 66 -20.49 8.62 -0.78
N ASN H 67 -20.81 8.86 -2.05
CA ASN H 67 -20.91 7.78 -3.04
C ASN H 67 -19.58 7.08 -3.19
N SER H 68 -18.52 7.88 -3.19
CA SER H 68 -17.17 7.37 -3.33
C SER H 68 -16.82 6.47 -2.15
N PHE H 69 -17.18 6.92 -0.95
CA PHE H 69 -16.92 6.15 0.25
C PHE H 69 -17.62 4.81 0.16
N VAL H 70 -18.90 4.84 -0.18
CA VAL H 70 -19.65 3.61 -0.29
C VAL H 70 -18.97 2.67 -1.29
N ASN H 71 -18.65 3.17 -2.45
CA ASN H 71 -18.00 2.35 -3.46
C ASN H 71 -16.70 1.71 -2.98
N ASP H 72 -15.77 2.52 -2.48
CA ASP H 72 -14.49 2.02 -1.99
C ASP H 72 -14.68 0.86 -0.99
N ILE H 73 -15.44 1.12 0.07
CA ILE H 73 -15.69 0.10 1.07
C ILE H 73 -16.23 -1.12 0.33
N PHE H 74 -17.27 -0.92 -0.46
CA PHE H 74 -17.85 -2.02 -1.24
C PHE H 74 -16.76 -2.82 -1.95
N GLU H 75 -15.91 -2.12 -2.68
CA GLU H 75 -14.83 -2.79 -3.41
C GLU H 75 -13.84 -3.45 -2.46
N ARG H 76 -13.53 -2.74 -1.38
CA ARG H 76 -12.58 -3.25 -0.41
C ARG H 76 -13.08 -4.51 0.32
N ILE H 77 -14.35 -4.51 0.71
CA ILE H 77 -14.94 -5.65 1.41
C ILE H 77 -15.13 -6.82 0.45
N ALA H 78 -15.57 -6.53 -0.77
CA ALA H 78 -15.79 -7.56 -1.76
C ALA H 78 -14.48 -8.21 -2.16
N GLY H 79 -13.48 -7.38 -2.41
CA GLY H 79 -12.18 -7.87 -2.79
C GLY H 79 -11.72 -8.90 -1.78
N GLU H 80 -11.48 -8.46 -0.55
CA GLU H 80 -11.05 -9.34 0.53
C GLU H 80 -11.96 -10.57 0.51
N ALA H 81 -13.26 -10.38 0.65
CA ALA H 81 -14.19 -11.49 0.63
C ALA H 81 -13.81 -12.49 -0.47
N SER H 82 -13.52 -11.99 -1.67
CA SER H 82 -13.13 -12.87 -2.77
C SER H 82 -11.91 -13.70 -2.40
N ARG H 83 -10.90 -13.04 -1.85
CA ARG H 83 -9.66 -13.69 -1.45
C ARG H 83 -9.91 -14.77 -0.39
N LEU H 84 -10.75 -14.49 0.59
CA LEU H 84 -11.03 -15.50 1.60
C LEU H 84 -11.53 -16.74 0.87
N ALA H 85 -12.40 -16.52 -0.10
CA ALA H 85 -12.96 -17.60 -0.89
C ALA H 85 -11.88 -18.41 -1.58
N HIS H 86 -11.05 -17.73 -2.36
CA HIS H 86 -9.96 -18.36 -3.08
C HIS H 86 -8.96 -19.08 -2.20
N TYR H 87 -8.50 -18.42 -1.13
CA TYR H 87 -7.52 -19.02 -0.23
C TYR H 87 -8.05 -20.34 0.26
N ASN H 88 -9.35 -20.38 0.51
CA ASN H 88 -10.00 -21.58 1.03
C ASN H 88 -10.61 -22.53 0.00
N LYS H 89 -10.19 -22.37 -1.26
CA LYS H 89 -10.69 -23.22 -2.33
C LYS H 89 -12.21 -23.33 -2.33
N ARG H 90 -12.88 -22.22 -2.08
CA ARG H 90 -14.33 -22.21 -2.09
C ARG H 90 -14.73 -21.63 -3.43
N SER H 91 -15.89 -22.02 -3.95
CA SER H 91 -16.33 -21.47 -5.23
C SER H 91 -17.48 -20.51 -5.05
N THR H 92 -17.92 -20.34 -3.80
CA THR H 92 -19.01 -19.44 -3.50
C THR H 92 -18.75 -18.57 -2.26
N ILE H 93 -19.22 -17.32 -2.30
CA ILE H 93 -19.05 -16.39 -1.17
C ILE H 93 -20.26 -16.36 -0.22
N THR H 94 -20.11 -16.90 0.97
CA THR H 94 -21.19 -16.91 1.95
C THR H 94 -21.26 -15.53 2.60
N SER H 95 -22.29 -15.27 3.40
CA SER H 95 -22.39 -13.98 4.08
C SER H 95 -21.22 -13.96 5.06
N ARG H 96 -20.87 -15.15 5.52
CA ARG H 96 -19.78 -15.34 6.46
C ARG H 96 -18.49 -14.80 5.86
N GLU H 97 -18.26 -15.08 4.59
CA GLU H 97 -17.07 -14.59 3.93
C GLU H 97 -17.07 -13.06 3.95
N ILE H 98 -18.25 -12.46 3.83
CA ILE H 98 -18.36 -11.00 3.88
C ILE H 98 -17.97 -10.53 5.28
N GLN H 99 -18.43 -11.28 6.29
CA GLN H 99 -18.16 -10.96 7.70
C GLN H 99 -16.68 -11.06 8.09
N THR H 100 -16.08 -12.22 7.85
CA THR H 100 -14.68 -12.42 8.18
C THR H 100 -13.86 -11.32 7.55
N ALA H 101 -14.22 -10.97 6.33
CA ALA H 101 -13.52 -9.91 5.63
C ALA H 101 -13.70 -8.62 6.42
N VAL H 102 -14.90 -8.42 6.96
CA VAL H 102 -15.16 -7.20 7.72
C VAL H 102 -14.29 -7.09 8.98
N ARG H 103 -13.93 -8.22 9.59
CA ARG H 103 -13.09 -8.18 10.79
C ARG H 103 -11.66 -7.75 10.49
N LEU H 104 -11.21 -7.99 9.27
CA LEU H 104 -9.87 -7.64 8.85
C LEU H 104 -9.78 -6.19 8.37
N LEU H 105 -10.83 -5.77 7.67
CA LEU H 105 -10.90 -4.42 7.11
C LEU H 105 -11.25 -3.33 8.10
N LEU H 106 -12.11 -3.63 9.06
CA LEU H 106 -12.51 -2.63 10.03
C LEU H 106 -11.96 -2.87 11.42
N PRO H 107 -11.58 -1.78 12.11
CA PRO H 107 -11.03 -1.97 13.45
C PRO H 107 -11.84 -1.54 14.67
N GLY H 108 -11.63 -2.30 15.75
CA GLY H 108 -12.29 -2.05 17.01
C GLY H 108 -13.79 -1.96 16.94
N GLU H 109 -14.31 -0.91 17.56
CA GLU H 109 -15.74 -0.67 17.61
C GLU H 109 -16.36 -0.54 16.23
N LEU H 110 -15.64 0.05 15.29
CA LEU H 110 -16.22 0.19 13.97
C LEU H 110 -16.51 -1.22 13.48
N ALA H 111 -15.56 -2.12 13.67
CA ALA H 111 -15.75 -3.51 13.25
C ALA H 111 -16.95 -4.12 13.98
N LYS H 112 -16.88 -4.20 15.30
CA LYS H 112 -17.95 -4.76 16.13
C LYS H 112 -19.33 -4.36 15.61
N HIS H 113 -19.64 -3.07 15.68
CA HIS H 113 -20.94 -2.56 15.25
C HIS H 113 -21.22 -2.94 13.80
N ALA H 114 -20.18 -2.85 12.99
CA ALA H 114 -20.33 -3.19 11.58
C ALA H 114 -20.74 -4.65 11.45
N VAL H 115 -20.04 -5.54 12.15
CA VAL H 115 -20.35 -6.97 12.08
C VAL H 115 -21.74 -7.28 12.56
N SER H 116 -22.14 -6.61 13.63
CA SER H 116 -23.45 -6.83 14.23
C SER H 116 -24.60 -6.57 13.25
N GLU H 117 -24.59 -5.39 12.66
CA GLU H 117 -25.60 -4.97 11.71
C GLU H 117 -25.80 -5.99 10.60
N GLY H 118 -24.69 -6.52 10.13
CA GLY H 118 -24.72 -7.50 9.06
C GLY H 118 -25.43 -8.75 9.50
N THR H 119 -25.01 -9.32 10.63
CA THR H 119 -25.63 -10.51 11.14
C THR H 119 -27.08 -10.24 11.45
N LYS H 120 -27.35 -9.08 12.05
CA LYS H 120 -28.71 -8.71 12.42
C LYS H 120 -29.61 -8.66 11.18
N ALA H 121 -29.17 -7.94 10.15
CA ALA H 121 -29.96 -7.84 8.93
C ALA H 121 -30.17 -9.21 8.26
N VAL H 122 -29.15 -10.06 8.35
CA VAL H 122 -29.22 -11.39 7.77
C VAL H 122 -30.18 -12.26 8.56
N THR H 123 -30.07 -12.24 9.88
CA THR H 123 -30.95 -13.07 10.70
C THR H 123 -32.41 -12.68 10.46
N LYS H 124 -32.66 -11.38 10.31
CA LYS H 124 -34.02 -10.87 10.05
C LYS H 124 -34.50 -11.19 8.64
N TYR H 125 -33.61 -11.06 7.66
CA TYR H 125 -33.98 -11.34 6.29
C TYR H 125 -34.40 -12.79 6.15
N THR H 126 -33.56 -13.70 6.64
CA THR H 126 -33.86 -15.13 6.55
C THR H 126 -35.18 -15.49 7.24
N SER H 127 -35.51 -14.82 8.34
CA SER H 127 -36.76 -15.12 9.02
C SER H 127 -37.92 -14.66 8.14
MN MN K . -1.75 -14.73 28.05
#